data_6CD6
#
_entry.id   6CD6
#
_cell.length_a   44.378
_cell.length_b   96.042
_cell.length_c   141.260
_cell.angle_alpha   90.00
_cell.angle_beta   90.03
_cell.angle_gamma   90.00
#
_symmetry.space_group_name_H-M   'P 1 21 1'
#
loop_
_entity.id
_entity.type
_entity.pdbx_description
1 polymer 'Calcium/calmodulin-dependent protein kinase kinase 1'
2 non-polymer '2-cyclopentyl-4-(5-phenyl-1H-pyrrolo[2,3-b]pyridin-3-yl)benzoic acid'
3 non-polymer 'CHLORIDE ION'
4 water water
#
_entity_poly.entity_id   1
_entity_poly.type   'polypeptide(L)'
_entity_poly.pdbx_seq_one_letter_code
;SMQLNQYKLQSEIGKGAYGVVRLAYNESEDRHYAMKVLSKKKLLKQYGFPRRPPPRGSQAAQGGPAKQLLPLERVYQEIA
ILKKLDHVNVVKLIEVLDDPAEDNLYLVFDLLRKGPVMEVPCDKPFSEEQARLYLRDVILGLEYLHCQKIVHRDIKPSNL
LLGDDGHVKIADFGVSNQFEGNDAQLSSTAGTPAFMAPEAISDSGQSFSGKALDVWATGVTLYCFVYGKCPFIDDFILAL
HRKIKNEPVVFPEEPEISEELKDLILKMLDKNPETRIGVPDIKLHPWVTK
;
_entity_poly.pdbx_strand_id   A,B,C,D
#
loop_
_chem_comp.id
_chem_comp.type
_chem_comp.name
_chem_comp.formula
CL non-polymer 'CHLORIDE ION' 'Cl -1'
DXV non-polymer '2-cyclopentyl-4-(5-phenyl-1H-pyrrolo[2,3-b]pyridin-3-yl)benzoic acid' 'C25 H22 N2 O2'
#
# COMPACT_ATOMS: atom_id res chain seq x y z
N LEU A 4 -33.48 -16.98 -1.75
CA LEU A 4 -34.62 -17.67 -1.05
C LEU A 4 -35.95 -17.05 -1.43
N ASN A 5 -37.03 -17.82 -1.20
CA ASN A 5 -38.40 -17.54 -1.67
C ASN A 5 -38.86 -16.06 -1.75
N GLN A 6 -38.60 -15.29 -0.69
CA GLN A 6 -39.14 -13.93 -0.53
C GLN A 6 -38.42 -12.78 -1.26
N TYR A 7 -37.28 -13.05 -1.89
CA TYR A 7 -36.43 -11.99 -2.50
C TYR A 7 -36.30 -12.16 -4.01
N LYS A 8 -36.40 -11.06 -4.76
CA LYS A 8 -35.95 -11.02 -6.15
C LYS A 8 -34.59 -10.30 -6.23
N LEU A 9 -33.58 -11.00 -6.72
CA LEU A 9 -32.25 -10.43 -6.90
C LEU A 9 -32.21 -9.57 -8.15
N GLN A 10 -31.89 -8.29 -7.98
CA GLN A 10 -31.82 -7.36 -9.11
C GLN A 10 -30.34 -7.16 -9.48
N SER A 11 -29.94 -5.99 -9.98
CA SER A 11 -28.57 -5.82 -10.50
C SER A 11 -27.47 -5.88 -9.42
N GLU A 12 -26.21 -5.97 -9.85
CA GLU A 12 -25.04 -5.86 -8.96
C GLU A 12 -24.80 -4.41 -8.60
N ILE A 13 -24.53 -4.15 -7.32
CA ILE A 13 -24.32 -2.77 -6.83
C ILE A 13 -22.89 -2.51 -6.35
N GLY A 14 -22.28 -3.49 -5.70
CA GLY A 14 -20.86 -3.42 -5.37
C GLY A 14 -20.19 -4.76 -5.31
N LYS A 15 -18.86 -4.75 -5.20
CA LYS A 15 -18.06 -5.95 -5.08
C LYS A 15 -17.00 -5.67 -4.02
N GLY A 16 -17.02 -6.42 -2.93
CA GLY A 16 -16.06 -6.26 -1.82
C GLY A 16 -14.84 -7.16 -1.99
N ALA A 17 -14.33 -7.67 -0.87
CA ALA A 17 -13.19 -8.59 -0.89
C ALA A 17 -13.57 -10.00 -1.39
N TYR A 18 -14.76 -10.49 -1.02
CA TYR A 18 -15.27 -11.78 -1.48
C TYR A 18 -16.71 -11.61 -1.93
N GLY A 19 -17.10 -12.40 -2.93
CA GLY A 19 -18.45 -12.38 -3.46
C GLY A 19 -18.84 -11.10 -4.19
N VAL A 20 -20.14 -10.83 -4.20
CA VAL A 20 -20.70 -9.63 -4.87
C VAL A 20 -21.91 -9.21 -4.08
N VAL A 21 -22.23 -7.92 -4.14
CA VAL A 21 -23.43 -7.42 -3.51
C VAL A 21 -24.45 -7.05 -4.57
N ARG A 22 -25.68 -7.50 -4.35
CA ARG A 22 -26.78 -7.26 -5.25
C ARG A 22 -27.93 -6.61 -4.53
N LEU A 23 -28.58 -5.69 -5.23
CA LEU A 23 -29.82 -5.10 -4.76
C LEU A 23 -30.83 -6.24 -4.73
N ALA A 24 -31.56 -6.34 -3.63
CA ALA A 24 -32.52 -7.43 -3.45
C ALA A 24 -33.88 -6.87 -3.02
N TYR A 25 -34.92 -7.18 -3.78
CA TYR A 25 -36.26 -6.66 -3.53
C TYR A 25 -37.12 -7.69 -2.82
N ASN A 26 -37.69 -7.31 -1.67
CA ASN A 26 -38.78 -8.07 -1.05
C ASN A 26 -40.09 -7.57 -1.66
N GLU A 27 -40.64 -8.34 -2.60
CA GLU A 27 -41.84 -7.96 -3.36
C GLU A 27 -43.07 -7.76 -2.48
N SER A 28 -43.27 -8.67 -1.52
CA SER A 28 -44.38 -8.61 -0.57
C SER A 28 -44.26 -7.40 0.37
N GLU A 29 -43.09 -7.25 0.98
CA GLU A 29 -42.81 -6.16 1.94
C GLU A 29 -42.60 -4.76 1.29
N ASP A 30 -42.46 -4.71 -0.04
CA ASP A 30 -42.13 -3.47 -0.78
C ASP A 30 -40.91 -2.80 -0.15
N ARG A 31 -39.77 -3.46 -0.26
CA ARG A 31 -38.57 -3.08 0.48
C ARG A 31 -37.32 -3.72 -0.12
N HIS A 32 -36.27 -2.91 -0.29
CA HIS A 32 -35.03 -3.32 -0.93
C HIS A 32 -33.97 -3.56 0.15
N TYR A 33 -33.07 -4.51 -0.14
CA TYR A 33 -31.99 -4.92 0.75
C TYR A 33 -30.69 -5.04 -0.05
N ALA A 34 -29.56 -5.07 0.67
CA ALA A 34 -28.27 -5.39 0.07
C ALA A 34 -28.02 -6.88 0.36
N MET A 35 -27.85 -7.69 -0.69
CA MET A 35 -27.58 -9.11 -0.50
C MET A 35 -26.17 -9.46 -1.00
N LYS A 36 -25.30 -9.90 -0.09
CA LYS A 36 -23.98 -10.43 -0.44
C LYS A 36 -24.10 -11.90 -0.82
N VAL A 37 -23.61 -12.26 -2.01
CA VAL A 37 -23.73 -13.63 -2.54
C VAL A 37 -22.37 -14.28 -2.64
N LEU A 38 -22.21 -15.41 -1.97
CA LEU A 38 -20.96 -16.17 -1.95
C LEU A 38 -21.20 -17.53 -2.60
N SER A 39 -20.41 -17.86 -3.61
CA SER A 39 -20.44 -19.18 -4.25
C SER A 39 -19.35 -20.10 -3.65
N LYS A 40 -19.77 -21.20 -3.02
CA LYS A 40 -18.83 -22.13 -2.35
C LYS A 40 -17.78 -22.73 -3.31
N LYS A 41 -18.18 -23.05 -4.54
CA LYS A 41 -17.22 -23.47 -5.57
C LYS A 41 -16.20 -22.35 -5.84
N LYS A 42 -16.70 -21.13 -6.02
CA LYS A 42 -15.84 -19.95 -6.20
C LYS A 42 -14.98 -19.59 -4.96
N LEU A 43 -15.46 -19.94 -3.75
CA LEU A 43 -14.73 -19.63 -2.52
C LEU A 43 -13.40 -20.37 -2.41
N LEU A 44 -13.39 -21.65 -2.78
CA LEU A 44 -12.19 -22.50 -2.72
C LEU A 44 -10.98 -21.89 -3.46
N LYS A 45 -11.24 -21.26 -4.60
CA LYS A 45 -10.20 -20.61 -5.41
C LYS A 45 -9.93 -19.14 -5.01
N GLN A 46 -10.85 -18.55 -4.23
CA GLN A 46 -10.71 -17.20 -3.66
C GLN A 46 -10.86 -16.09 -4.69
N GLN A 68 -4.28 -21.93 10.41
CA GLN A 68 -4.57 -22.32 9.04
C GLN A 68 -6.09 -22.30 8.77
N LEU A 69 -6.61 -21.13 8.40
CA LEU A 69 -8.06 -20.91 8.24
C LEU A 69 -8.56 -21.24 6.82
N LEU A 70 -9.32 -22.34 6.69
CA LEU A 70 -9.88 -22.77 5.40
C LEU A 70 -11.00 -21.81 4.93
N PRO A 71 -11.25 -21.75 3.58
CA PRO A 71 -12.49 -21.11 3.09
C PRO A 71 -13.73 -21.93 3.47
N LEU A 72 -14.85 -21.24 3.61
CA LEU A 72 -16.09 -21.77 4.21
C LEU A 72 -16.02 -21.69 5.73
N GLU A 73 -14.91 -22.14 6.32
CA GLU A 73 -14.61 -21.82 7.73
C GLU A 73 -14.48 -20.29 7.93
N ARG A 74 -13.69 -19.66 7.07
CA ARG A 74 -13.48 -18.19 7.10
C ARG A 74 -14.80 -17.40 6.90
N VAL A 75 -15.70 -17.93 6.07
CA VAL A 75 -17.03 -17.34 5.90
C VAL A 75 -17.83 -17.31 7.19
N TYR A 76 -17.81 -18.43 7.93
CA TYR A 76 -18.60 -18.53 9.15
C TYR A 76 -18.00 -17.77 10.33
N GLN A 77 -16.70 -17.48 10.26
CA GLN A 77 -16.04 -16.57 11.18
C GLN A 77 -16.63 -15.17 10.96
N GLU A 78 -16.67 -14.75 9.70
CA GLU A 78 -17.29 -13.47 9.31
C GLU A 78 -18.73 -13.39 9.81
N ILE A 79 -19.53 -14.40 9.50
CA ILE A 79 -20.94 -14.42 9.92
C ILE A 79 -21.08 -14.27 11.45
N ALA A 80 -20.21 -14.92 12.21
CA ALA A 80 -20.18 -14.80 13.66
C ALA A 80 -19.92 -13.37 14.16
N ILE A 81 -19.04 -12.65 13.46
CA ILE A 81 -18.82 -11.23 13.70
C ILE A 81 -20.09 -10.45 13.34
N LEU A 82 -20.58 -10.61 12.10
CA LEU A 82 -21.74 -9.87 11.58
C LEU A 82 -22.95 -9.92 12.52
N LYS A 83 -23.26 -11.09 13.06
CA LYS A 83 -24.37 -11.26 13.99
C LYS A 83 -24.25 -10.44 15.29
N LYS A 84 -23.04 -10.14 15.75
CA LYS A 84 -22.86 -9.29 16.93
C LYS A 84 -23.16 -7.81 16.68
N LEU A 85 -23.00 -7.36 15.43
CA LEU A 85 -22.90 -5.94 15.13
C LEU A 85 -24.23 -5.22 15.34
N ASP A 86 -24.24 -4.28 16.27
CA ASP A 86 -25.41 -3.46 16.56
C ASP A 86 -24.97 -2.05 16.95
N HIS A 87 -24.58 -1.27 15.95
CA HIS A 87 -24.15 0.11 16.13
C HIS A 87 -24.57 0.94 14.92
N VAL A 88 -24.84 2.22 15.15
CA VAL A 88 -25.32 3.14 14.09
C VAL A 88 -24.28 3.43 13.01
N ASN A 89 -23.02 3.14 13.30
CA ASN A 89 -21.90 3.37 12.38
C ASN A 89 -21.32 2.04 11.88
N VAL A 90 -22.09 0.95 12.01
CA VAL A 90 -21.75 -0.34 11.41
C VAL A 90 -22.99 -0.90 10.71
N VAL A 91 -22.78 -1.60 9.58
CA VAL A 91 -23.91 -2.22 8.86
C VAL A 91 -24.63 -3.27 9.71
N LYS A 92 -25.86 -3.60 9.33
CA LYS A 92 -26.71 -4.51 10.11
C LYS A 92 -27.00 -5.75 9.25
N LEU A 93 -26.64 -6.93 9.77
CA LEU A 93 -27.04 -8.21 9.17
C LEU A 93 -28.47 -8.48 9.58
N ILE A 94 -29.31 -8.87 8.63
CA ILE A 94 -30.71 -9.22 8.86
C ILE A 94 -30.89 -10.74 8.93
N GLU A 95 -30.47 -11.44 7.89
CA GLU A 95 -30.56 -12.89 7.87
C GLU A 95 -29.56 -13.55 6.94
N VAL A 96 -29.41 -14.86 7.12
CA VAL A 96 -28.51 -15.71 6.34
C VAL A 96 -29.30 -16.85 5.69
N LEU A 97 -29.61 -16.76 4.40
CA LEU A 97 -30.17 -17.90 3.66
C LEU A 97 -29.02 -18.86 3.30
N ASP A 98 -29.05 -20.06 3.90
CA ASP A 98 -27.86 -20.88 4.05
C ASP A 98 -28.13 -22.38 3.85
N ASP A 99 -28.66 -22.73 2.68
CA ASP A 99 -29.07 -24.12 2.38
C ASP A 99 -27.87 -25.00 1.99
N PRO A 100 -27.51 -25.99 2.85
CA PRO A 100 -26.34 -26.84 2.55
C PRO A 100 -26.36 -27.59 1.21
N ALA A 101 -27.55 -27.82 0.65
CA ALA A 101 -27.68 -28.44 -0.68
C ALA A 101 -27.21 -27.51 -1.78
N GLU A 102 -27.62 -26.24 -1.70
CA GLU A 102 -27.29 -25.24 -2.71
C GLU A 102 -25.84 -24.76 -2.60
N ASP A 103 -25.29 -24.34 -3.72
CA ASP A 103 -23.95 -23.79 -3.79
C ASP A 103 -23.85 -22.41 -3.12
N ASN A 104 -24.85 -21.56 -3.34
CA ASN A 104 -24.79 -20.18 -2.88
C ASN A 104 -25.13 -20.02 -1.40
N LEU A 105 -24.41 -19.13 -0.74
CA LEU A 105 -24.70 -18.66 0.61
C LEU A 105 -25.10 -17.19 0.45
N TYR A 106 -26.17 -16.77 1.12
CA TYR A 106 -26.71 -15.41 0.95
C TYR A 106 -26.73 -14.69 2.29
N LEU A 107 -26.15 -13.49 2.33
CA LEU A 107 -26.10 -12.65 3.53
C LEU A 107 -26.90 -11.36 3.26
N VAL A 108 -28.01 -11.18 3.99
CA VAL A 108 -28.92 -10.06 3.77
C VAL A 108 -28.67 -8.94 4.78
N PHE A 109 -28.33 -7.75 4.28
CA PHE A 109 -28.09 -6.55 5.10
C PHE A 109 -29.16 -5.51 4.78
N ASP A 110 -29.27 -4.50 5.64
CA ASP A 110 -30.04 -3.30 5.31
C ASP A 110 -29.31 -2.49 4.24
N LEU A 111 -30.07 -1.90 3.32
CA LEU A 111 -29.52 -1.19 2.17
C LEU A 111 -29.19 0.23 2.55
N LEU A 112 -27.99 0.69 2.17
CA LEU A 112 -27.67 2.11 2.20
C LEU A 112 -27.43 2.51 0.77
N ARG A 113 -28.52 2.97 0.14
CA ARG A 113 -28.63 3.01 -1.34
C ARG A 113 -27.63 3.96 -2.02
N LYS A 114 -27.13 4.94 -1.28
CA LYS A 114 -26.11 5.85 -1.77
C LYS A 114 -24.77 5.15 -1.99
N GLY A 115 -24.52 4.07 -1.26
CA GLY A 115 -23.29 3.32 -1.43
C GLY A 115 -22.06 3.97 -0.81
N PRO A 116 -20.86 3.58 -1.27
CA PRO A 116 -19.63 4.11 -0.67
C PRO A 116 -19.59 5.64 -0.64
N VAL A 117 -19.03 6.20 0.42
CA VAL A 117 -18.94 7.65 0.57
C VAL A 117 -18.03 8.30 -0.49
N MET A 118 -16.98 7.58 -0.90
CA MET A 118 -15.98 8.09 -1.87
C MET A 118 -15.24 6.91 -2.50
N GLU A 119 -14.89 7.06 -3.78
CA GLU A 119 -13.97 6.15 -4.42
C GLU A 119 -12.76 6.94 -4.90
N VAL A 120 -11.59 6.44 -4.50
CA VAL A 120 -10.32 7.11 -4.71
C VAL A 120 -9.66 6.47 -5.93
N PRO A 121 -9.12 7.26 -6.88
CA PRO A 121 -9.05 8.71 -6.82
C PRO A 121 -10.34 9.39 -7.24
N CYS A 122 -10.52 10.65 -6.85
CA CYS A 122 -11.59 11.46 -7.41
C CYS A 122 -11.26 12.95 -7.33
N ASP A 123 -11.72 13.68 -8.34
CA ASP A 123 -11.32 15.08 -8.55
C ASP A 123 -11.93 16.03 -7.50
N LYS A 124 -13.11 15.70 -6.96
CA LYS A 124 -13.82 16.59 -6.03
C LYS A 124 -13.91 16.03 -4.60
N PRO A 125 -12.90 16.33 -3.73
CA PRO A 125 -12.96 15.90 -2.32
C PRO A 125 -13.94 16.69 -1.45
N PHE A 126 -14.12 16.23 -0.23
CA PHE A 126 -15.01 16.88 0.72
C PHE A 126 -14.29 18.06 1.35
N SER A 127 -15.09 19.02 1.82
CA SER A 127 -14.60 20.07 2.69
C SER A 127 -14.02 19.43 3.94
N GLU A 128 -13.13 20.17 4.59
CA GLU A 128 -12.57 19.78 5.84
C GLU A 128 -13.68 19.48 6.91
N GLU A 129 -14.71 20.33 7.00
CA GLU A 129 -15.77 20.13 8.02
C GLU A 129 -16.70 18.96 7.72
N GLN A 130 -16.98 18.70 6.43
CA GLN A 130 -17.71 17.48 6.07
C GLN A 130 -16.86 16.23 6.37
N ALA A 131 -15.57 16.28 6.05
CA ALA A 131 -14.62 15.21 6.45
C ALA A 131 -14.62 14.91 7.96
N ARG A 132 -14.64 15.96 8.78
CA ARG A 132 -14.68 15.83 10.25
C ARG A 132 -15.89 15.00 10.70
N LEU A 133 -17.06 15.30 10.16
CA LEU A 133 -18.29 14.55 10.49
C LEU A 133 -18.22 13.08 10.06
N TYR A 134 -17.57 12.81 8.93
CA TYR A 134 -17.38 11.43 8.48
C TYR A 134 -16.30 10.70 9.31
N LEU A 135 -15.32 11.42 9.84
CA LEU A 135 -14.31 10.79 10.68
C LEU A 135 -14.90 10.40 12.03
N ARG A 136 -15.68 11.30 12.63
CA ARG A 136 -16.43 10.99 13.85
C ARG A 136 -17.21 9.69 13.71
N ASP A 137 -17.90 9.52 12.58
CA ASP A 137 -18.66 8.31 12.31
C ASP A 137 -17.79 7.05 12.31
N VAL A 138 -16.71 7.13 11.58
CA VAL A 138 -15.77 6.04 11.43
C VAL A 138 -15.07 5.71 12.75
N ILE A 139 -14.65 6.74 13.49
CA ILE A 139 -14.08 6.55 14.84
C ILE A 139 -15.11 5.92 15.81
N LEU A 140 -16.35 6.42 15.84
CA LEU A 140 -17.35 5.87 16.74
C LEU A 140 -17.59 4.38 16.44
N GLY A 141 -17.63 4.05 15.15
CA GLY A 141 -17.79 2.67 14.70
C GLY A 141 -16.60 1.81 15.06
N LEU A 142 -15.40 2.33 14.82
CA LEU A 142 -14.18 1.62 15.16
C LEU A 142 -14.11 1.32 16.66
N GLU A 143 -14.39 2.35 17.47
CA GLU A 143 -14.46 2.20 18.94
C GLU A 143 -15.41 1.06 19.37
N TYR A 144 -16.59 1.05 18.78
CA TYR A 144 -17.55 -0.02 19.03
C TYR A 144 -16.97 -1.39 18.72
N LEU A 145 -16.33 -1.51 17.56
CA LEU A 145 -15.78 -2.78 17.10
C LEU A 145 -14.63 -3.24 17.99
N HIS A 146 -13.79 -2.28 18.38
CA HIS A 146 -12.70 -2.56 19.30
C HIS A 146 -13.22 -2.97 20.69
N CYS A 147 -14.20 -2.25 21.21
CA CYS A 147 -14.87 -2.63 22.45
C CYS A 147 -15.43 -4.04 22.36
N GLN A 148 -16.03 -4.39 21.21
CA GLN A 148 -16.57 -5.75 20.99
C GLN A 148 -15.56 -6.85 20.69
N LYS A 149 -14.26 -6.54 20.73
CA LYS A 149 -13.17 -7.46 20.37
C LYS A 149 -13.17 -7.87 18.90
N ILE A 150 -13.40 -6.90 18.00
CA ILE A 150 -13.24 -7.10 16.56
C ILE A 150 -12.28 -6.04 16.03
N VAL A 151 -11.36 -6.44 15.15
CA VAL A 151 -10.60 -5.50 14.31
C VAL A 151 -11.03 -5.70 12.85
N HIS A 152 -11.14 -4.60 12.10
CA HIS A 152 -11.76 -4.62 10.78
C HIS A 152 -10.81 -5.07 9.69
N ARG A 153 -9.62 -4.48 9.70
CA ARG A 153 -8.50 -4.83 8.81
C ARG A 153 -8.56 -4.34 7.35
N ASP A 154 -9.60 -3.58 6.98
CA ASP A 154 -9.75 -3.05 5.61
C ASP A 154 -10.59 -1.78 5.60
N ILE A 155 -10.25 -0.87 6.51
CA ILE A 155 -10.93 0.41 6.58
C ILE A 155 -10.37 1.26 5.43
N LYS A 156 -11.26 1.71 4.56
CA LYS A 156 -10.92 2.65 3.50
C LYS A 156 -12.22 3.36 3.11
N PRO A 157 -12.17 4.42 2.28
CA PRO A 157 -13.40 5.13 1.89
C PRO A 157 -14.43 4.25 1.20
N SER A 158 -13.98 3.38 0.30
CA SER A 158 -14.90 2.54 -0.45
C SER A 158 -15.64 1.46 0.38
N ASN A 159 -15.23 1.26 1.64
CA ASN A 159 -15.94 0.35 2.58
C ASN A 159 -16.78 1.12 3.63
N LEU A 160 -16.91 2.44 3.44
CA LEU A 160 -17.70 3.27 4.31
C LEU A 160 -18.93 3.71 3.54
N LEU A 161 -20.11 3.20 3.92
CA LEU A 161 -21.34 3.43 3.15
C LEU A 161 -22.13 4.59 3.72
N LEU A 162 -22.57 5.49 2.84
CA LEU A 162 -23.28 6.70 3.21
C LEU A 162 -24.78 6.46 3.47
N GLY A 163 -25.20 6.69 4.71
CA GLY A 163 -26.63 6.62 5.08
C GLY A 163 -27.42 7.82 4.59
N ASP A 164 -28.75 7.66 4.55
CA ASP A 164 -29.65 8.74 4.18
C ASP A 164 -29.68 9.83 5.25
N ASP A 165 -29.36 9.47 6.49
CA ASP A 165 -29.17 10.44 7.59
C ASP A 165 -27.86 11.22 7.58
N GLY A 166 -27.03 11.02 6.55
CA GLY A 166 -25.76 11.74 6.42
C GLY A 166 -24.57 11.08 7.10
N HIS A 167 -24.84 10.05 7.92
CA HIS A 167 -23.81 9.26 8.60
C HIS A 167 -23.31 8.04 7.80
N VAL A 168 -22.02 7.74 7.90
CA VAL A 168 -21.43 6.59 7.20
C VAL A 168 -21.43 5.39 8.13
N LYS A 169 -21.61 4.20 7.57
CA LYS A 169 -21.49 2.95 8.32
C LYS A 169 -20.37 2.08 7.74
N ILE A 170 -19.66 1.38 8.62
CA ILE A 170 -18.54 0.54 8.24
C ILE A 170 -19.08 -0.79 7.68
N ALA A 171 -18.58 -1.16 6.50
CA ALA A 171 -19.01 -2.38 5.82
C ALA A 171 -17.82 -3.26 5.50
N ASP A 172 -18.14 -4.48 5.06
CA ASP A 172 -17.19 -5.48 4.57
C ASP A 172 -16.31 -6.02 5.69
N PHE A 173 -16.80 -7.08 6.34
CA PHE A 173 -16.09 -7.77 7.41
C PHE A 173 -15.42 -9.07 6.91
N GLY A 174 -14.83 -8.99 5.71
CA GLY A 174 -14.26 -10.13 5.01
C GLY A 174 -12.91 -10.57 5.53
N VAL A 175 -12.11 -9.62 6.02
CA VAL A 175 -10.81 -9.95 6.60
C VAL A 175 -10.73 -9.65 8.09
N SER A 176 -11.86 -9.28 8.70
CA SER A 176 -11.89 -8.88 10.09
C SER A 176 -11.72 -10.09 11.00
N ASN A 177 -11.17 -9.85 12.20
CA ASN A 177 -10.83 -10.92 13.15
C ASN A 177 -11.34 -10.57 14.54
N GLN A 178 -11.82 -11.59 15.25
CA GLN A 178 -12.05 -11.50 16.69
C GLN A 178 -10.75 -11.78 17.45
N PHE A 179 -10.63 -11.18 18.63
CA PHE A 179 -9.45 -11.38 19.48
C PHE A 179 -9.85 -11.44 20.96
N GLU A 180 -8.90 -11.81 21.81
CA GLU A 180 -9.06 -11.79 23.27
C GLU A 180 -8.08 -10.77 23.87
N GLY A 181 -8.43 -10.24 25.04
CA GLY A 181 -7.59 -9.26 25.72
C GLY A 181 -7.60 -7.86 25.10
N ASN A 182 -6.52 -7.13 25.34
CA ASN A 182 -6.41 -5.71 24.91
C ASN A 182 -6.33 -5.50 23.39
N ASP A 183 -5.85 -6.49 22.63
CA ASP A 183 -5.54 -6.28 21.22
C ASP A 183 -5.32 -7.60 20.44
N ALA A 184 -5.56 -7.54 19.13
CA ALA A 184 -5.36 -8.71 18.27
C ALA A 184 -3.91 -8.74 17.85
N GLN A 185 -3.25 -9.86 18.15
CA GLN A 185 -1.84 -10.05 17.76
C GLN A 185 -1.82 -10.77 16.41
N LEU A 186 -1.36 -10.08 15.36
CA LEU A 186 -1.54 -10.53 13.98
C LEU A 186 -0.21 -10.69 13.27
N SER A 187 -0.09 -11.77 12.48
CA SER A 187 1.16 -12.15 11.79
C SER A 187 1.15 -11.71 10.34
N SER A 188 0.13 -12.14 9.60
CA SER A 188 0.08 -11.94 8.15
C SER A 188 -0.63 -10.65 7.76
N THR A 189 -0.51 -10.33 6.48
CA THR A 189 -1.18 -9.18 5.88
C THR A 189 -2.60 -9.54 5.45
N ALA A 190 -3.47 -8.52 5.43
CA ALA A 190 -4.82 -8.64 4.86
C ALA A 190 -5.43 -7.23 4.59
N GLY A 191 -6.34 -7.17 3.63
CA GLY A 191 -6.99 -5.91 3.24
C GLY A 191 -6.28 -5.25 2.07
N THR A 192 -6.38 -3.91 1.97
CA THR A 192 -5.87 -3.16 0.81
C THR A 192 -4.48 -2.54 1.01
N PRO A 193 -3.51 -2.80 0.10
CA PRO A 193 -2.11 -2.32 0.18
C PRO A 193 -1.93 -0.86 0.57
N ALA A 194 -2.62 0.03 -0.12
CA ALA A 194 -2.52 1.47 0.14
C ALA A 194 -2.88 1.90 1.58
N PHE A 195 -3.61 1.06 2.31
CA PHE A 195 -4.08 1.34 3.65
C PHE A 195 -3.43 0.42 4.69
N MET A 196 -2.38 -0.32 4.28
CA MET A 196 -1.60 -1.13 5.22
C MET A 196 -0.53 -0.26 5.89
N ALA A 197 -0.41 -0.40 7.21
CA ALA A 197 0.57 0.35 7.98
C ALA A 197 1.99 -0.18 7.72
N PRO A 198 3.02 0.62 8.06
CA PRO A 198 4.40 0.16 7.81
C PRO A 198 4.76 -1.16 8.49
N GLU A 199 4.35 -1.34 9.74
CA GLU A 199 4.68 -2.55 10.49
C GLU A 199 4.13 -3.85 9.89
N ALA A 200 3.06 -3.77 9.09
CA ALA A 200 2.45 -4.94 8.46
C ALA A 200 3.12 -5.36 7.15
N ILE A 201 3.93 -4.48 6.56
CA ILE A 201 4.66 -4.77 5.31
C ILE A 201 6.14 -4.38 5.42
N SER A 204 8.49 -10.33 6.71
CA SER A 204 7.98 -9.42 7.73
C SER A 204 8.53 -9.76 9.13
N GLY A 205 8.12 -10.90 9.69
CA GLY A 205 8.67 -11.42 10.95
C GLY A 205 7.79 -11.30 12.17
N GLN A 206 7.99 -10.22 12.94
CA GLN A 206 7.29 -9.99 14.22
C GLN A 206 5.78 -9.77 14.00
N SER A 207 4.98 -10.10 15.02
CA SER A 207 3.53 -9.90 14.98
C SER A 207 3.12 -8.52 15.56
N PHE A 208 1.98 -8.00 15.10
CA PHE A 208 1.63 -6.59 15.31
C PHE A 208 0.18 -6.35 15.79
N SER A 209 -0.02 -5.15 16.32
CA SER A 209 -1.31 -4.69 16.85
C SER A 209 -2.40 -4.59 15.80
N GLY A 210 -3.57 -5.17 16.07
CA GLY A 210 -4.72 -5.02 15.19
C GLY A 210 -5.23 -3.59 15.22
N LYS A 211 -5.63 -3.16 16.43
CA LYS A 211 -6.07 -1.79 16.69
C LYS A 211 -5.23 -0.73 15.97
N ALA A 212 -3.91 -0.84 16.06
CA ALA A 212 -3.01 0.14 15.43
C ALA A 212 -3.09 0.12 13.90
N LEU A 213 -3.28 -1.06 13.31
CA LEU A 213 -3.44 -1.18 11.85
C LEU A 213 -4.76 -0.49 11.38
N ASP A 214 -5.84 -0.68 12.15
CA ASP A 214 -7.11 0.04 11.91
C ASP A 214 -6.97 1.59 12.00
N VAL A 215 -6.22 2.09 12.99
CA VAL A 215 -5.98 3.53 13.12
C VAL A 215 -5.21 4.05 11.90
N TRP A 216 -4.19 3.31 11.47
CA TRP A 216 -3.39 3.73 10.32
C TRP A 216 -4.27 3.87 9.06
N ALA A 217 -5.13 2.87 8.85
CA ALA A 217 -6.02 2.86 7.69
C ALA A 217 -6.98 4.05 7.73
N THR A 218 -7.45 4.38 8.93
CA THR A 218 -8.35 5.52 9.13
C THR A 218 -7.67 6.86 8.90
N GLY A 219 -6.38 6.95 9.20
CA GLY A 219 -5.59 8.13 8.83
C GLY A 219 -5.50 8.28 7.32
N VAL A 220 -5.28 7.18 6.62
CA VAL A 220 -5.19 7.21 5.16
C VAL A 220 -6.58 7.61 4.59
N THR A 221 -7.64 7.12 5.24
CA THR A 221 -9.02 7.46 4.92
C THR A 221 -9.31 8.94 5.15
N LEU A 222 -8.93 9.46 6.31
CA LEU A 222 -9.07 10.89 6.58
C LEU A 222 -8.33 11.71 5.53
N TYR A 223 -7.11 11.29 5.20
CA TYR A 223 -6.33 11.94 4.14
C TYR A 223 -7.10 11.94 2.81
N CYS A 224 -7.73 10.81 2.45
CA CYS A 224 -8.54 10.72 1.22
C CYS A 224 -9.77 11.63 1.29
N PHE A 225 -10.43 11.70 2.45
CA PHE A 225 -11.61 12.57 2.61
C PHE A 225 -11.34 14.01 2.12
N VAL A 226 -10.22 14.60 2.51
CA VAL A 226 -9.93 16.01 2.18
C VAL A 226 -9.10 16.22 0.90
N TYR A 227 -8.39 15.20 0.44
CA TYR A 227 -7.56 15.31 -0.79
C TYR A 227 -8.02 14.49 -1.99
N GLY A 228 -8.87 13.49 -1.80
CA GLY A 228 -9.35 12.64 -2.92
C GLY A 228 -8.34 11.65 -3.51
N LYS A 229 -7.13 11.61 -2.94
CA LYS A 229 -6.08 10.69 -3.37
C LYS A 229 -5.38 10.22 -2.11
N CYS A 230 -4.91 8.98 -2.15
CA CYS A 230 -4.10 8.40 -1.07
C CYS A 230 -2.78 9.18 -0.82
N PRO A 231 -2.24 9.12 0.40
CA PRO A 231 -0.99 9.81 0.71
C PRO A 231 0.27 9.12 0.13
N PHE A 232 0.16 7.82 -0.17
CA PHE A 232 1.24 7.05 -0.81
C PHE A 232 0.64 6.34 -2.02
N ILE A 233 1.12 6.71 -3.21
CA ILE A 233 0.54 6.28 -4.48
C ILE A 233 1.67 5.66 -5.33
N ASP A 234 1.41 4.46 -5.87
CA ASP A 234 2.27 3.87 -6.91
C ASP A 234 1.63 2.63 -7.55
N ASP A 235 1.69 2.54 -8.88
CA ASP A 235 1.13 1.37 -9.61
C ASP A 235 1.87 0.05 -9.34
N PHE A 236 3.16 0.11 -8.99
CA PHE A 236 3.97 -1.07 -8.67
C PHE A 236 4.00 -1.27 -7.16
N ILE A 237 3.66 -2.47 -6.70
CA ILE A 237 3.49 -2.74 -5.27
C ILE A 237 4.77 -2.59 -4.44
N LEU A 238 5.92 -2.92 -5.02
CA LEU A 238 7.20 -2.80 -4.29
C LEU A 238 7.56 -1.34 -4.00
N ALA A 239 7.36 -0.48 -5.00
CA ALA A 239 7.51 0.96 -4.84
C ALA A 239 6.47 1.56 -3.86
N LEU A 240 5.25 1.01 -3.82
CA LEU A 240 4.24 1.42 -2.83
C LEU A 240 4.70 1.08 -1.42
N HIS A 241 5.15 -0.16 -1.24
CA HIS A 241 5.70 -0.63 0.04
C HIS A 241 6.81 0.29 0.60
N ARG A 242 7.74 0.73 -0.27
CA ARG A 242 8.87 1.58 0.16
C ARG A 242 8.41 3.01 0.48
N LYS A 243 7.52 3.55 -0.33
CA LYS A 243 6.88 4.84 -0.03
C LYS A 243 6.16 4.80 1.31
N ILE A 244 5.43 3.70 1.58
CA ILE A 244 4.75 3.52 2.88
C ILE A 244 5.76 3.43 4.02
N LYS A 245 6.77 2.57 3.87
CA LYS A 245 7.76 2.31 4.93
C LYS A 245 8.72 3.48 5.21
N ASN A 246 8.97 4.34 4.23
CA ASN A 246 10.04 5.35 4.31
C ASN A 246 9.63 6.83 4.08
N GLU A 247 8.85 7.13 3.02
CA GLU A 247 8.50 8.54 2.70
C GLU A 247 7.57 9.17 3.74
N PRO A 248 7.72 10.49 4.00
CA PRO A 248 6.82 11.16 4.93
C PRO A 248 5.51 11.56 4.25
N VAL A 249 4.53 11.94 5.05
CA VAL A 249 3.26 12.43 4.52
C VAL A 249 3.51 13.84 3.99
N VAL A 250 2.93 14.14 2.84
CA VAL A 250 3.14 15.41 2.14
C VAL A 250 1.78 16.02 1.84
N PHE A 251 1.51 17.16 2.47
CA PHE A 251 0.27 17.88 2.24
C PHE A 251 0.51 18.79 1.05
N PRO A 252 -0.26 18.64 -0.05
CA PRO A 252 -0.09 19.58 -1.15
C PRO A 252 -0.54 20.96 -0.70
N GLU A 253 -0.18 22.00 -1.46
CA GLU A 253 -0.56 23.36 -1.09
C GLU A 253 -2.05 23.60 -1.30
N GLU A 254 -2.66 22.91 -2.27
CA GLU A 254 -4.09 22.98 -2.54
C GLU A 254 -4.73 21.57 -2.66
N PRO A 255 -5.95 21.36 -2.12
CA PRO A 255 -6.67 22.32 -1.28
C PRO A 255 -5.96 22.58 0.05
N GLU A 256 -6.14 23.78 0.58
CA GLU A 256 -5.60 24.13 1.89
C GLU A 256 -6.45 23.48 2.98
N ILE A 257 -5.80 22.83 3.94
CA ILE A 257 -6.47 22.33 5.14
C ILE A 257 -5.85 22.99 6.37
N SER A 258 -6.41 22.71 7.55
CA SER A 258 -5.98 23.36 8.78
C SER A 258 -4.78 22.66 9.40
N GLU A 259 -3.99 23.44 10.13
CA GLU A 259 -2.84 22.92 10.87
C GLU A 259 -3.25 21.88 11.91
N GLU A 260 -4.41 22.09 12.52
CA GLU A 260 -4.97 21.15 13.50
C GLU A 260 -5.27 19.78 12.85
N LEU A 261 -5.85 19.79 11.65
CA LEU A 261 -6.12 18.54 10.90
C LEU A 261 -4.81 17.84 10.51
N LYS A 262 -3.90 18.59 9.87
CA LYS A 262 -2.55 18.09 9.51
C LYS A 262 -1.89 17.38 10.71
N ASP A 263 -2.01 18.00 11.87
CA ASP A 263 -1.46 17.47 13.10
C ASP A 263 -2.09 16.13 13.46
N LEU A 264 -3.41 16.01 13.37
CA LEU A 264 -4.10 14.71 13.57
C LEU A 264 -3.70 13.67 12.54
N ILE A 265 -3.58 14.09 11.29
CA ILE A 265 -3.20 13.16 10.24
C ILE A 265 -1.80 12.60 10.54
N LEU A 266 -0.84 13.47 10.90
CA LEU A 266 0.55 13.03 11.18
C LEU A 266 0.61 12.07 12.36
N LYS A 267 -0.22 12.32 13.38
CA LYS A 267 -0.35 11.41 14.51
C LYS A 267 -0.95 10.05 14.13
N MET A 268 -1.90 10.03 13.19
CA MET A 268 -2.54 8.79 12.74
C MET A 268 -1.64 8.01 11.77
N LEU A 269 -0.94 8.75 10.91
CA LEU A 269 0.05 8.19 9.99
C LEU A 269 1.48 8.16 10.58
N ASP A 270 1.57 8.08 11.91
CA ASP A 270 2.82 7.85 12.61
C ASP A 270 3.33 6.44 12.28
N LYS A 271 4.53 6.37 11.70
CA LYS A 271 5.11 5.08 11.29
C LYS A 271 5.43 4.11 12.45
N ASN A 272 5.69 4.61 13.64
CA ASN A 272 5.90 3.75 14.82
C ASN A 272 4.57 3.45 15.53
N PRO A 273 4.10 2.18 15.53
CA PRO A 273 2.81 1.85 16.21
C PRO A 273 2.73 2.09 17.73
N GLU A 274 3.87 2.24 18.39
CA GLU A 274 3.95 2.53 19.83
C GLU A 274 3.53 3.97 20.13
N THR A 275 4.12 4.92 19.40
CA THR A 275 3.78 6.35 19.52
C THR A 275 2.43 6.74 18.85
N ARG A 276 2.00 5.98 17.84
CA ARG A 276 0.78 6.30 17.06
C ARG A 276 -0.42 6.52 17.97
N ILE A 277 -1.22 7.50 17.59
CA ILE A 277 -2.37 7.90 18.41
C ILE A 277 -3.40 6.78 18.41
N GLY A 278 -3.92 6.46 19.60
CA GLY A 278 -4.96 5.46 19.77
C GLY A 278 -6.34 6.08 19.64
N VAL A 279 -7.38 5.24 19.58
CA VAL A 279 -8.73 5.73 19.35
C VAL A 279 -9.21 6.67 20.47
N PRO A 280 -8.97 6.31 21.74
CA PRO A 280 -9.49 7.20 22.81
C PRO A 280 -8.96 8.64 22.79
N ASP A 281 -7.71 8.84 22.33
CA ASP A 281 -7.12 10.18 22.18
C ASP A 281 -7.47 10.89 20.87
N ILE A 282 -7.83 10.14 19.82
CA ILE A 282 -8.37 10.74 18.60
C ILE A 282 -9.65 11.49 18.92
N LYS A 283 -10.50 10.87 19.75
CA LYS A 283 -11.75 11.48 20.22
C LYS A 283 -11.54 12.77 21.02
N LEU A 284 -10.39 12.92 21.66
CA LEU A 284 -10.03 14.12 22.41
C LEU A 284 -9.12 15.06 21.62
N HIS A 285 -8.87 14.80 20.34
CA HIS A 285 -8.05 15.75 19.55
C HIS A 285 -8.90 16.99 19.19
N PRO A 286 -8.34 18.22 19.39
CA PRO A 286 -9.13 19.44 19.17
C PRO A 286 -9.76 19.63 17.78
N TRP A 287 -9.16 19.05 16.74
CA TRP A 287 -9.80 19.05 15.41
C TRP A 287 -11.08 18.21 15.42
N VAL A 288 -11.04 17.08 16.12
CA VAL A 288 -12.22 16.23 16.26
C VAL A 288 -13.32 16.90 17.11
N THR A 289 -12.96 17.50 18.23
CA THR A 289 -13.95 18.04 19.16
C THR A 289 -14.43 19.47 18.84
N LYS A 290 -13.59 20.30 18.21
CA LYS A 290 -13.92 21.71 17.92
C LYS A 290 -13.62 22.08 16.45
N MET B 2 -36.17 5.73 -25.65
CA MET B 2 -35.90 6.15 -27.07
C MET B 2 -34.73 7.14 -27.16
N GLN B 3 -34.28 7.41 -28.39
CA GLN B 3 -33.12 8.28 -28.66
C GLN B 3 -33.56 9.71 -29.00
N LEU B 4 -33.26 10.65 -28.11
CA LEU B 4 -33.44 12.08 -28.35
C LEU B 4 -32.09 12.72 -28.67
N ASN B 5 -31.78 12.85 -29.96
CA ASN B 5 -30.51 13.43 -30.44
C ASN B 5 -29.29 12.62 -29.95
N GLN B 6 -28.48 13.15 -29.03
CA GLN B 6 -27.34 12.40 -28.44
C GLN B 6 -27.65 11.72 -27.08
N TYR B 7 -28.92 11.77 -26.65
CA TYR B 7 -29.38 11.23 -25.36
C TYR B 7 -30.21 9.96 -25.54
N LYS B 8 -30.02 9.00 -24.64
CA LYS B 8 -30.88 7.84 -24.53
C LYS B 8 -31.72 8.01 -23.26
N LEU B 9 -33.03 8.04 -23.42
CA LEU B 9 -33.96 8.33 -22.33
C LEU B 9 -34.12 7.08 -21.48
N GLN B 10 -33.85 7.20 -20.18
CA GLN B 10 -33.93 6.07 -19.25
C GLN B 10 -35.06 6.31 -18.24
N SER B 11 -35.05 5.60 -17.10
CA SER B 11 -36.22 5.53 -16.21
C SER B 11 -36.46 6.80 -15.39
N GLU B 12 -37.72 6.97 -14.97
CA GLU B 12 -38.13 8.07 -14.12
C GLU B 12 -37.44 7.97 -12.76
N ILE B 13 -37.00 9.12 -12.23
CA ILE B 13 -36.25 9.19 -10.96
C ILE B 13 -36.85 10.15 -9.90
N GLY B 14 -37.52 11.22 -10.35
CA GLY B 14 -38.23 12.14 -9.46
C GLY B 14 -39.34 12.93 -10.17
N LYS B 15 -40.27 13.48 -9.40
CA LYS B 15 -41.30 14.39 -9.89
C LYS B 15 -41.26 15.65 -9.06
N GLY B 16 -41.16 16.79 -9.74
CA GLY B 16 -41.23 18.10 -9.13
C GLY B 16 -42.64 18.64 -9.20
N ALA B 17 -42.76 19.96 -9.33
CA ALA B 17 -44.06 20.62 -9.41
C ALA B 17 -44.83 20.26 -10.68
N TYR B 18 -44.12 20.22 -11.82
CA TYR B 18 -44.69 19.89 -13.13
C TYR B 18 -43.88 18.79 -13.79
N GLY B 19 -44.56 17.96 -14.58
CA GLY B 19 -43.91 16.89 -15.32
C GLY B 19 -43.20 15.87 -14.44
N VAL B 20 -42.14 15.30 -15.00
CA VAL B 20 -41.38 14.24 -14.33
C VAL B 20 -39.93 14.42 -14.77
N VAL B 21 -39.00 13.91 -13.97
CA VAL B 21 -37.59 13.91 -14.33
C VAL B 21 -37.14 12.47 -14.56
N ARG B 22 -36.41 12.27 -15.64
CA ARG B 22 -35.96 10.96 -16.05
C ARG B 22 -34.46 10.94 -16.14
N LEU B 23 -33.88 9.75 -15.94
CA LEU B 23 -32.46 9.56 -16.15
C LEU B 23 -32.24 9.60 -17.66
N ALA B 24 -31.07 10.05 -18.09
CA ALA B 24 -30.73 10.06 -19.52
C ALA B 24 -29.24 9.79 -19.70
N TYR B 25 -28.93 8.87 -20.61
CA TYR B 25 -27.56 8.48 -20.88
C TYR B 25 -27.10 9.08 -22.19
N ASN B 26 -26.09 9.95 -22.14
CA ASN B 26 -25.37 10.35 -23.34
C ASN B 26 -24.48 9.17 -23.74
N GLU B 27 -24.88 8.44 -24.79
CA GLU B 27 -24.06 7.38 -25.36
C GLU B 27 -22.75 7.94 -25.92
N SER B 28 -22.84 9.10 -26.57
CA SER B 28 -21.70 9.80 -27.18
C SER B 28 -20.65 10.39 -26.21
N GLU B 29 -20.98 10.50 -24.93
CA GLU B 29 -20.10 11.14 -23.93
C GLU B 29 -19.74 10.27 -22.72
N ASP B 30 -20.34 9.07 -22.62
CA ASP B 30 -20.34 8.25 -21.39
C ASP B 30 -20.59 9.04 -20.08
N ARG B 31 -21.62 9.89 -20.10
CA ARG B 31 -22.05 10.67 -18.93
C ARG B 31 -23.57 10.67 -18.88
N HIS B 32 -24.13 10.43 -17.70
CA HIS B 32 -25.59 10.49 -17.52
C HIS B 32 -26.04 11.92 -17.19
N TYR B 33 -27.30 12.22 -17.52
CA TYR B 33 -27.93 13.52 -17.25
C TYR B 33 -29.32 13.34 -16.62
N ALA B 34 -29.88 14.46 -16.13
CA ALA B 34 -31.25 14.51 -15.61
C ALA B 34 -32.10 15.27 -16.61
N MET B 35 -33.21 14.68 -17.01
CA MET B 35 -34.00 15.23 -18.10
C MET B 35 -35.43 15.45 -17.60
N LYS B 36 -35.82 16.73 -17.44
CA LYS B 36 -37.20 17.06 -17.10
C LYS B 36 -38.08 16.93 -18.35
N VAL B 37 -39.16 16.17 -18.27
CA VAL B 37 -39.99 15.86 -19.45
C VAL B 37 -41.37 16.44 -19.29
N LEU B 38 -41.74 17.33 -20.21
CA LEU B 38 -43.06 17.97 -20.18
C LEU B 38 -43.94 17.52 -21.37
N SER B 39 -45.18 17.13 -21.06
CA SER B 39 -46.21 16.95 -22.07
C SER B 39 -47.02 18.25 -22.27
N LYS B 40 -47.02 18.76 -23.51
CA LYS B 40 -47.88 19.90 -23.88
C LYS B 40 -49.36 19.58 -23.68
N LYS B 41 -49.73 18.30 -23.81
CA LYS B 41 -51.08 17.85 -23.50
C LYS B 41 -51.36 18.05 -22.01
N LYS B 42 -50.59 17.39 -21.15
CA LYS B 42 -50.77 17.45 -19.69
C LYS B 42 -50.71 18.88 -19.13
N LEU B 43 -49.83 19.70 -19.71
CA LEU B 43 -49.72 21.12 -19.36
C LEU B 43 -51.03 21.93 -19.46
N LEU B 44 -51.86 21.61 -20.45
CA LEU B 44 -53.12 22.34 -20.67
C LEU B 44 -54.21 22.03 -19.63
N LYS B 45 -54.22 20.80 -19.09
CA LYS B 45 -55.13 20.40 -18.00
C LYS B 45 -54.37 20.19 -16.67
N GLN B 68 -53.71 37.77 -19.88
CA GLN B 68 -53.60 36.38 -19.47
C GLN B 68 -52.25 35.80 -19.91
N LEU B 69 -52.00 34.53 -19.61
CA LEU B 69 -50.69 33.90 -19.82
C LEU B 69 -50.86 32.38 -20.03
N LEU B 70 -50.36 31.86 -21.14
CA LEU B 70 -50.50 30.44 -21.48
C LEU B 70 -49.43 29.56 -20.79
N PRO B 71 -49.77 28.30 -20.43
CA PRO B 71 -48.86 27.48 -19.65
C PRO B 71 -47.52 27.18 -20.34
N LEU B 72 -47.55 27.09 -21.67
CA LEU B 72 -46.34 26.93 -22.48
C LEU B 72 -45.45 28.19 -22.39
N GLU B 73 -46.06 29.35 -22.24
CA GLU B 73 -45.31 30.62 -22.04
C GLU B 73 -44.70 30.67 -20.64
N ARG B 74 -45.44 30.20 -19.64
CA ARG B 74 -44.93 30.07 -18.28
C ARG B 74 -43.71 29.14 -18.20
N VAL B 75 -43.72 28.07 -18.99
CA VAL B 75 -42.56 27.16 -19.11
C VAL B 75 -41.32 27.88 -19.68
N TYR B 76 -41.56 28.76 -20.66
CA TYR B 76 -40.45 29.52 -21.28
C TYR B 76 -39.97 30.69 -20.41
N GLN B 77 -40.76 31.10 -19.42
CA GLN B 77 -40.26 31.97 -18.37
C GLN B 77 -39.33 31.22 -17.42
N GLU B 78 -39.66 29.97 -17.12
CA GLU B 78 -38.77 29.10 -16.35
C GLU B 78 -37.44 28.90 -17.10
N ILE B 79 -37.53 28.53 -18.36
CA ILE B 79 -36.34 28.32 -19.19
C ILE B 79 -35.43 29.54 -19.20
N ALA B 80 -36.02 30.72 -19.26
CA ALA B 80 -35.27 31.98 -19.28
C ALA B 80 -34.50 32.18 -17.98
N ILE B 81 -35.13 31.81 -16.87
CA ILE B 81 -34.51 31.82 -15.54
C ILE B 81 -33.39 30.77 -15.47
N LEU B 82 -33.70 29.55 -15.90
CA LEU B 82 -32.72 28.44 -15.91
C LEU B 82 -31.45 28.79 -16.67
N LYS B 83 -31.58 29.39 -17.86
CA LYS B 83 -30.40 29.77 -18.66
C LYS B 83 -29.42 30.72 -17.93
N LYS B 84 -29.91 31.53 -16.99
CA LYS B 84 -29.06 32.42 -16.18
C LYS B 84 -28.26 31.72 -15.08
N LEU B 85 -28.64 30.50 -14.71
CA LEU B 85 -28.14 29.88 -13.48
C LEU B 85 -26.76 29.29 -13.68
N ASP B 86 -25.76 29.95 -13.10
CA ASP B 86 -24.40 29.43 -13.03
C ASP B 86 -23.85 29.70 -11.63
N HIS B 87 -24.01 28.71 -10.74
CA HIS B 87 -23.51 28.76 -9.38
C HIS B 87 -23.46 27.35 -8.78
N VAL B 88 -22.48 27.11 -7.92
CA VAL B 88 -22.23 25.78 -7.33
C VAL B 88 -23.37 25.24 -6.44
N ASN B 89 -24.30 26.09 -6.03
CA ASN B 89 -25.44 25.68 -5.20
C ASN B 89 -26.77 25.86 -5.95
N VAL B 90 -26.72 25.80 -7.28
CA VAL B 90 -27.93 25.80 -8.10
C VAL B 90 -27.74 24.75 -9.20
N VAL B 91 -28.84 24.22 -9.74
CA VAL B 91 -28.77 23.32 -10.89
C VAL B 91 -28.12 24.01 -12.08
N LYS B 92 -27.62 23.21 -13.02
CA LYS B 92 -27.07 23.70 -14.29
C LYS B 92 -27.94 23.13 -15.42
N LEU B 93 -28.44 24.03 -16.27
CA LEU B 93 -29.23 23.66 -17.45
C LEU B 93 -28.28 23.46 -18.60
N ILE B 94 -28.32 22.28 -19.23
CA ILE B 94 -27.44 21.96 -20.36
C ILE B 94 -28.07 22.42 -21.67
N GLU B 95 -29.26 21.90 -21.99
CA GLU B 95 -29.99 22.37 -23.18
C GLU B 95 -31.50 22.12 -23.11
N VAL B 96 -32.21 22.74 -24.04
CA VAL B 96 -33.64 22.52 -24.21
C VAL B 96 -33.87 21.86 -25.56
N LEU B 97 -34.60 20.76 -25.57
CA LEU B 97 -35.01 20.08 -26.79
C LEU B 97 -36.51 20.27 -26.89
N ASP B 98 -36.93 20.99 -27.92
CA ASP B 98 -38.35 21.25 -28.16
C ASP B 98 -38.59 21.38 -29.65
N ASP B 99 -39.18 20.35 -30.24
CA ASP B 99 -39.78 20.49 -31.55
C ASP B 99 -41.19 21.00 -31.33
N PRO B 100 -41.55 22.13 -31.97
CA PRO B 100 -42.91 22.67 -31.85
C PRO B 100 -44.03 21.70 -32.25
N ALA B 101 -43.76 20.82 -33.22
CA ALA B 101 -44.71 19.79 -33.67
C ALA B 101 -44.92 18.67 -32.66
N GLU B 102 -43.84 18.27 -31.98
CA GLU B 102 -43.92 17.21 -30.95
C GLU B 102 -44.72 17.69 -29.75
N ASP B 103 -45.49 16.76 -29.17
CA ASP B 103 -46.29 17.03 -27.96
C ASP B 103 -45.43 17.20 -26.69
N ASN B 104 -44.18 16.74 -26.74
CA ASN B 104 -43.31 16.77 -25.59
C ASN B 104 -42.16 17.72 -25.79
N LEU B 105 -41.64 18.25 -24.69
CA LEU B 105 -40.34 18.91 -24.67
C LEU B 105 -39.53 18.50 -23.45
N TYR B 106 -38.21 18.62 -23.59
CA TYR B 106 -37.25 18.04 -22.68
C TYR B 106 -36.27 19.13 -22.26
N LEU B 107 -36.09 19.29 -20.94
CA LEU B 107 -35.04 20.16 -20.35
C LEU B 107 -33.96 19.28 -19.74
N VAL B 108 -32.70 19.47 -20.19
CA VAL B 108 -31.57 18.63 -19.74
C VAL B 108 -30.66 19.34 -18.72
N PHE B 109 -30.39 18.66 -17.60
CA PHE B 109 -29.57 19.21 -16.50
C PHE B 109 -28.41 18.29 -16.18
N ASP B 110 -27.40 18.83 -15.49
CA ASP B 110 -26.35 18.00 -14.91
C ASP B 110 -26.96 17.18 -13.78
N LEU B 111 -26.59 15.90 -13.73
CA LEU B 111 -27.18 14.93 -12.82
C LEU B 111 -26.51 15.00 -11.46
N LEU B 112 -27.34 15.05 -10.43
CA LEU B 112 -26.89 14.86 -9.06
C LEU B 112 -27.51 13.53 -8.62
N ARG B 113 -26.81 12.44 -8.91
CA ARG B 113 -27.41 11.08 -8.87
C ARG B 113 -28.10 10.68 -7.54
N LYS B 114 -27.68 11.28 -6.43
CA LYS B 114 -28.24 10.94 -5.11
C LYS B 114 -29.64 11.46 -4.89
N GLY B 115 -30.01 12.52 -5.63
CA GLY B 115 -31.38 13.07 -5.56
C GLY B 115 -31.62 13.94 -4.35
N PRO B 116 -32.92 14.19 -4.03
CA PRO B 116 -33.29 15.02 -2.90
C PRO B 116 -32.59 14.59 -1.63
N VAL B 117 -32.17 15.58 -0.84
CA VAL B 117 -31.32 15.35 0.32
C VAL B 117 -32.15 14.80 1.48
N MET B 118 -33.44 15.11 1.49
CA MET B 118 -34.34 14.69 2.55
C MET B 118 -35.76 14.73 2.02
N GLU B 119 -36.56 13.77 2.48
CA GLU B 119 -37.98 13.75 2.20
C GLU B 119 -38.68 13.80 3.54
N VAL B 120 -39.51 14.81 3.75
CA VAL B 120 -40.21 15.04 5.00
C VAL B 120 -41.61 14.43 4.88
N PRO B 121 -42.12 13.70 5.88
CA PRO B 121 -41.45 13.42 7.15
C PRO B 121 -40.52 12.22 7.07
N CYS B 122 -39.44 12.21 7.87
CA CYS B 122 -38.59 11.02 8.01
C CYS B 122 -38.13 10.78 9.44
N ASP B 123 -37.87 9.51 9.75
CA ASP B 123 -37.54 9.09 11.10
C ASP B 123 -36.12 9.45 11.52
N LYS B 124 -35.24 9.79 10.56
CA LYS B 124 -33.82 9.98 10.84
C LYS B 124 -33.31 11.33 10.28
N PRO B 125 -33.37 12.40 11.11
CA PRO B 125 -32.90 13.72 10.65
C PRO B 125 -31.37 13.84 10.62
N PHE B 126 -30.88 14.98 10.13
CA PHE B 126 -29.45 15.26 10.15
C PHE B 126 -29.07 15.77 11.52
N SER B 127 -27.80 15.63 11.85
CA SER B 127 -27.24 16.24 13.03
C SER B 127 -27.18 17.72 12.79
N GLU B 128 -27.07 18.46 13.88
CA GLU B 128 -26.99 19.89 13.84
C GLU B 128 -25.85 20.36 12.93
N GLU B 129 -24.71 19.65 13.00
CA GLU B 129 -23.49 20.04 12.30
C GLU B 129 -23.63 19.83 10.82
N GLN B 130 -24.26 18.72 10.43
CA GLN B 130 -24.55 18.49 9.03
C GLN B 130 -25.59 19.54 8.54
N ALA B 131 -26.62 19.80 9.36
CA ALA B 131 -27.59 20.88 9.06
C ALA B 131 -26.93 22.24 8.80
N ARG B 132 -25.87 22.56 9.54
CA ARG B 132 -25.10 23.77 9.25
C ARG B 132 -24.59 23.78 7.82
N LEU B 133 -23.93 22.70 7.42
CA LEU B 133 -23.29 22.66 6.09
C LEU B 133 -24.30 22.80 4.96
N TYR B 134 -25.50 22.22 5.14
CA TYR B 134 -26.55 22.30 4.11
C TYR B 134 -27.22 23.67 4.09
N LEU B 135 -27.30 24.34 5.23
CA LEU B 135 -27.85 25.70 5.26
C LEU B 135 -26.94 26.67 4.49
N ARG B 136 -25.64 26.56 4.72
CA ARG B 136 -24.68 27.39 3.99
C ARG B 136 -24.87 27.22 2.48
N ASP B 137 -24.95 25.96 2.04
CA ASP B 137 -25.24 25.63 0.64
C ASP B 137 -26.50 26.35 0.15
N VAL B 138 -27.60 26.21 0.90
CA VAL B 138 -28.88 26.81 0.51
C VAL B 138 -28.78 28.32 0.50
N ILE B 139 -28.16 28.88 1.54
CA ILE B 139 -28.02 30.33 1.68
C ILE B 139 -27.14 30.92 0.58
N LEU B 140 -25.99 30.31 0.29
CA LEU B 140 -25.14 30.82 -0.77
C LEU B 140 -25.84 30.77 -2.12
N GLY B 141 -26.58 29.69 -2.35
CA GLY B 141 -27.37 29.55 -3.56
C GLY B 141 -28.51 30.56 -3.63
N LEU B 142 -29.19 30.76 -2.51
CA LEU B 142 -30.31 31.68 -2.44
C LEU B 142 -29.88 33.14 -2.59
N GLU B 143 -28.84 33.52 -1.86
CA GLU B 143 -28.20 34.82 -2.04
C GLU B 143 -27.88 35.08 -3.52
N TYR B 144 -27.38 34.07 -4.20
CA TYR B 144 -27.05 34.18 -5.61
C TYR B 144 -28.30 34.44 -6.46
N LEU B 145 -29.37 33.70 -6.20
CA LEU B 145 -30.62 33.88 -6.93
C LEU B 145 -31.21 35.28 -6.67
N HIS B 146 -31.13 35.75 -5.43
CA HIS B 146 -31.61 37.08 -5.08
C HIS B 146 -30.77 38.19 -5.71
N CYS B 147 -29.46 38.01 -5.75
CA CYS B 147 -28.61 38.99 -6.43
CA CYS B 147 -28.55 38.94 -6.46
C CYS B 147 -28.93 38.99 -7.93
N GLN B 148 -29.06 37.81 -8.53
CA GLN B 148 -29.40 37.71 -9.95
C GLN B 148 -30.89 37.96 -10.25
N LYS B 149 -31.62 38.47 -9.25
CA LYS B 149 -32.97 39.00 -9.41
C LYS B 149 -33.96 37.88 -9.76
N ILE B 150 -33.93 36.82 -8.94
CA ILE B 150 -34.84 35.67 -9.03
C ILE B 150 -35.29 35.25 -7.63
N VAL B 151 -36.59 35.08 -7.42
CA VAL B 151 -37.12 34.41 -6.23
C VAL B 151 -37.57 32.97 -6.57
N HIS B 152 -37.22 32.02 -5.70
CA HIS B 152 -37.45 30.61 -5.97
C HIS B 152 -38.89 30.24 -5.74
N ARG B 153 -39.43 30.65 -4.60
CA ARG B 153 -40.84 30.45 -4.24
C ARG B 153 -41.28 29.04 -3.84
N ASP B 154 -40.35 28.09 -3.80
CA ASP B 154 -40.62 26.69 -3.39
C ASP B 154 -39.36 25.99 -2.83
N ILE B 155 -38.71 26.67 -1.89
CA ILE B 155 -37.56 26.12 -1.18
C ILE B 155 -38.13 25.16 -0.15
N LYS B 156 -37.67 23.91 -0.22
CA LYS B 156 -37.99 22.89 0.75
C LYS B 156 -36.89 21.84 0.61
N PRO B 157 -36.78 20.89 1.56
CA PRO B 157 -35.74 19.86 1.47
C PRO B 157 -35.79 19.02 0.21
N SER B 158 -36.99 18.59 -0.21
CA SER B 158 -37.11 17.73 -1.40
C SER B 158 -36.69 18.43 -2.71
N ASN B 159 -36.53 19.76 -2.69
CA ASN B 159 -35.99 20.51 -3.84
C ASN B 159 -34.49 20.84 -3.72
N LEU B 160 -33.85 20.33 -2.67
CA LEU B 160 -32.40 20.41 -2.52
C LEU B 160 -31.78 19.05 -2.85
N LEU B 161 -30.91 19.05 -3.85
CA LEU B 161 -30.33 17.84 -4.41
C LEU B 161 -28.91 17.66 -3.94
N LEU B 162 -28.58 16.47 -3.44
CA LEU B 162 -27.27 16.19 -2.84
C LEU B 162 -26.26 15.79 -3.90
N GLY B 163 -25.19 16.58 -4.03
CA GLY B 163 -24.07 16.25 -4.91
C GLY B 163 -23.08 15.31 -4.24
N ASP B 164 -22.26 14.64 -5.04
CA ASP B 164 -21.30 13.65 -4.53
C ASP B 164 -20.16 14.28 -3.73
N ASP B 165 -19.95 15.59 -3.90
CA ASP B 165 -19.04 16.38 -3.07
C ASP B 165 -19.60 16.77 -1.68
N GLY B 166 -20.84 16.38 -1.36
CA GLY B 166 -21.46 16.67 -0.07
C GLY B 166 -22.33 17.93 -0.05
N HIS B 167 -22.22 18.77 -1.08
CA HIS B 167 -22.98 20.01 -1.18
C HIS B 167 -24.31 19.83 -1.90
N VAL B 168 -25.36 20.45 -1.35
CA VAL B 168 -26.67 20.46 -1.99
C VAL B 168 -26.81 21.62 -2.96
N LYS B 169 -27.56 21.39 -4.04
CA LYS B 169 -27.93 22.40 -5.03
C LYS B 169 -29.44 22.63 -5.10
N ILE B 170 -29.83 23.90 -5.24
CA ILE B 170 -31.23 24.27 -5.39
C ILE B 170 -31.76 23.87 -6.78
N ALA B 171 -32.93 23.25 -6.79
CA ALA B 171 -33.60 22.80 -8.01
C ALA B 171 -35.11 23.08 -7.97
N ASP B 172 -35.76 22.78 -9.10
CA ASP B 172 -37.20 22.98 -9.32
C ASP B 172 -37.57 24.46 -9.30
N PHE B 173 -37.29 25.11 -10.43
CA PHE B 173 -37.60 26.51 -10.69
C PHE B 173 -38.95 26.65 -11.41
N GLY B 174 -39.93 25.83 -11.02
CA GLY B 174 -41.19 25.74 -11.72
C GLY B 174 -42.14 26.90 -11.47
N VAL B 175 -41.99 27.57 -10.32
CA VAL B 175 -42.82 28.71 -9.98
C VAL B 175 -41.96 29.93 -9.65
N SER B 176 -40.72 29.90 -10.10
CA SER B 176 -39.76 30.95 -9.77
C SER B 176 -40.04 32.16 -10.64
N ASN B 177 -40.15 33.34 -10.02
CA ASN B 177 -40.36 34.59 -10.74
C ASN B 177 -39.07 35.42 -10.79
N GLN B 178 -38.86 36.05 -11.94
CA GLN B 178 -37.83 37.08 -12.12
C GLN B 178 -38.41 38.39 -11.61
N PHE B 179 -37.54 39.33 -11.19
CA PHE B 179 -38.01 40.64 -10.72
C PHE B 179 -37.07 41.80 -11.05
N GLU B 180 -37.64 43.01 -11.11
CA GLU B 180 -36.89 44.25 -11.33
C GLU B 180 -36.68 44.95 -10.00
N GLY B 181 -35.51 45.54 -9.82
CA GLY B 181 -35.26 46.39 -8.66
C GLY B 181 -34.73 45.63 -7.46
N ASN B 182 -35.25 45.95 -6.28
CA ASN B 182 -34.72 45.44 -5.01
C ASN B 182 -35.34 44.13 -4.57
N ASP B 183 -36.65 43.98 -4.78
CA ASP B 183 -37.41 42.79 -4.38
C ASP B 183 -38.47 42.48 -5.46
N ALA B 184 -39.11 41.32 -5.36
CA ALA B 184 -40.36 41.05 -6.07
C ALA B 184 -41.53 41.47 -5.18
N GLN B 185 -42.60 41.97 -5.79
CA GLN B 185 -43.82 42.29 -5.08
C GLN B 185 -44.88 41.34 -5.58
N LEU B 186 -45.36 40.45 -4.71
CA LEU B 186 -46.16 39.32 -5.15
C LEU B 186 -47.58 39.33 -4.59
N SER B 187 -48.53 39.01 -5.46
CA SER B 187 -49.97 39.09 -5.19
C SER B 187 -50.63 37.74 -4.86
N SER B 188 -50.19 36.68 -5.55
CA SER B 188 -50.71 35.33 -5.38
C SER B 188 -49.70 34.39 -4.72
N THR B 189 -50.17 33.21 -4.31
CA THR B 189 -49.32 32.16 -3.75
C THR B 189 -48.84 31.15 -4.80
N ALA B 190 -47.63 30.64 -4.60
CA ALA B 190 -47.11 29.50 -5.35
C ALA B 190 -46.26 28.62 -4.42
N GLY B 191 -46.11 27.37 -4.80
CA GLY B 191 -45.26 26.43 -4.08
C GLY B 191 -46.00 25.62 -3.03
N THR B 192 -45.23 25.06 -2.11
CA THR B 192 -45.72 24.05 -1.18
C THR B 192 -46.31 24.72 0.05
N PRO B 193 -47.60 24.43 0.36
CA PRO B 193 -48.28 25.06 1.48
C PRO B 193 -47.57 25.06 2.84
N ALA B 194 -47.01 23.92 3.25
CA ALA B 194 -46.31 23.83 4.53
C ALA B 194 -45.12 24.79 4.65
N PHE B 195 -44.57 25.21 3.50
CA PHE B 195 -43.43 26.12 3.46
C PHE B 195 -43.80 27.57 3.13
N MET B 196 -45.10 27.90 3.15
CA MET B 196 -45.56 29.26 2.85
C MET B 196 -45.56 30.13 4.09
N ALA B 197 -45.03 31.35 3.95
CA ALA B 197 -45.01 32.35 5.03
C ALA B 197 -46.42 32.89 5.34
N PRO B 198 -46.65 33.40 6.58
CA PRO B 198 -47.99 33.89 6.97
C PRO B 198 -48.56 35.00 6.07
N GLU B 199 -47.73 35.97 5.72
CA GLU B 199 -48.16 37.10 4.88
C GLU B 199 -48.60 36.68 3.47
N ALA B 200 -48.10 35.54 3.00
CA ALA B 200 -48.47 35.01 1.68
C ALA B 200 -49.85 34.33 1.69
N ILE B 201 -50.26 33.78 2.83
CA ILE B 201 -51.56 33.13 2.97
C ILE B 201 -52.50 34.08 3.72
N SER B 202 -52.87 35.16 3.04
CA SER B 202 -53.64 36.26 3.64
C SER B 202 -54.22 37.20 2.57
N SER B 204 -55.43 39.92 3.98
CA SER B 204 -54.74 41.21 3.90
C SER B 204 -54.93 41.89 2.54
N GLY B 205 -54.86 41.11 1.46
CA GLY B 205 -55.18 41.61 0.11
C GLY B 205 -54.03 42.23 -0.66
N GLN B 206 -53.25 43.10 0.01
CA GLN B 206 -52.07 43.75 -0.59
C GLN B 206 -50.93 42.75 -0.87
N SER B 207 -49.92 43.21 -1.60
CA SER B 207 -48.81 42.36 -2.03
C SER B 207 -47.76 42.19 -0.94
N PHE B 208 -46.88 41.20 -1.13
CA PHE B 208 -45.85 40.83 -0.13
C PHE B 208 -44.45 40.73 -0.72
N SER B 209 -43.47 40.67 0.19
CA SER B 209 -42.05 40.54 -0.17
C SER B 209 -41.74 39.11 -0.64
N GLY B 210 -41.11 38.99 -1.81
CA GLY B 210 -40.71 37.69 -2.38
C GLY B 210 -39.46 37.11 -1.75
N LYS B 211 -38.45 37.96 -1.55
CA LYS B 211 -37.21 37.55 -0.87
C LYS B 211 -37.46 37.12 0.58
N ALA B 212 -38.51 37.63 1.21
CA ALA B 212 -38.87 37.20 2.56
C ALA B 212 -39.57 35.85 2.54
N LEU B 213 -40.39 35.58 1.52
CA LEU B 213 -41.06 34.27 1.40
C LEU B 213 -40.02 33.14 1.32
N ASP B 214 -38.98 33.35 0.51
CA ASP B 214 -37.85 32.41 0.37
C ASP B 214 -37.09 32.16 1.69
N VAL B 215 -36.88 33.22 2.49
CA VAL B 215 -36.21 33.10 3.80
C VAL B 215 -37.04 32.28 4.76
N TRP B 216 -38.35 32.53 4.80
CA TRP B 216 -39.23 31.77 5.70
C TRP B 216 -39.19 30.30 5.30
N ALA B 217 -39.29 30.05 3.99
CA ALA B 217 -39.20 28.70 3.45
C ALA B 217 -37.89 28.03 3.86
N THR B 218 -36.78 28.75 3.76
CA THR B 218 -35.47 28.23 4.20
C THR B 218 -35.42 27.96 5.71
N GLY B 219 -36.23 28.68 6.49
CA GLY B 219 -36.36 28.41 7.92
C GLY B 219 -37.07 27.11 8.24
N VAL B 220 -38.18 26.88 7.56
CA VAL B 220 -38.92 25.63 7.69
C VAL B 220 -38.04 24.46 7.20
N THR B 221 -37.26 24.70 6.15
CA THR B 221 -36.28 23.72 5.64
C THR B 221 -35.24 23.38 6.71
N LEU B 222 -34.67 24.43 7.32
CA LEU B 222 -33.66 24.24 8.36
C LEU B 222 -34.24 23.39 9.50
N TYR B 223 -35.46 23.72 9.91
CA TYR B 223 -36.15 23.00 10.99
C TYR B 223 -36.38 21.54 10.60
N CYS B 224 -36.74 21.30 9.33
CA CYS B 224 -36.86 19.94 8.81
C CYS B 224 -35.52 19.20 8.91
N PHE B 225 -34.42 19.86 8.50
CA PHE B 225 -33.08 19.27 8.59
C PHE B 225 -32.83 18.55 9.92
N VAL B 226 -32.98 19.28 11.04
CA VAL B 226 -32.69 18.74 12.37
C VAL B 226 -33.85 18.03 13.10
N TYR B 227 -35.09 18.14 12.62
CA TYR B 227 -36.20 17.37 13.23
C TYR B 227 -36.89 16.36 12.32
N GLY B 228 -36.64 16.41 11.01
CA GLY B 228 -37.30 15.50 10.07
C GLY B 228 -38.80 15.64 9.92
N LYS B 229 -39.36 16.75 10.41
CA LYS B 229 -40.79 17.09 10.35
C LYS B 229 -40.88 18.62 10.29
N CYS B 230 -41.98 19.11 9.72
CA CYS B 230 -42.23 20.56 9.66
C CYS B 230 -42.61 21.18 11.02
N PRO B 231 -42.39 22.51 11.17
CA PRO B 231 -42.83 23.18 12.40
C PRO B 231 -44.35 23.35 12.51
N PHE B 232 -45.05 23.43 11.37
CA PHE B 232 -46.49 23.54 11.37
C PHE B 232 -47.02 22.40 10.54
N ILE B 233 -47.85 21.56 11.16
CA ILE B 233 -48.32 20.32 10.57
C ILE B 233 -49.82 20.17 10.75
N ASP B 234 -50.51 19.85 9.66
CA ASP B 234 -51.92 19.41 9.68
C ASP B 234 -52.33 18.76 8.35
N ASP B 235 -53.11 17.69 8.41
CA ASP B 235 -53.61 17.02 7.20
C ASP B 235 -54.53 17.92 6.37
N PHE B 236 -55.35 18.74 7.04
CA PHE B 236 -56.33 19.63 6.36
C PHE B 236 -55.71 21.01 6.08
N ILE B 237 -55.81 21.45 4.83
CA ILE B 237 -55.15 22.68 4.36
C ILE B 237 -55.46 23.94 5.19
N LEU B 238 -56.73 24.12 5.57
CA LEU B 238 -57.14 25.32 6.31
C LEU B 238 -56.59 25.39 7.73
N ALA B 239 -56.56 24.24 8.41
CA ALA B 239 -55.94 24.14 9.74
C ALA B 239 -54.42 24.41 9.69
N LEU B 240 -53.76 23.95 8.62
CA LEU B 240 -52.35 24.26 8.39
C LEU B 240 -52.13 25.77 8.26
N HIS B 241 -52.94 26.42 7.42
CA HIS B 241 -52.90 27.88 7.27
C HIS B 241 -53.07 28.62 8.60
N ARG B 242 -53.99 28.15 9.45
CA ARG B 242 -54.24 28.74 10.77
C ARG B 242 -52.98 28.67 11.64
N LYS B 243 -52.44 27.45 11.80
CA LYS B 243 -51.21 27.21 12.58
C LYS B 243 -50.03 28.05 12.09
N ILE B 244 -49.85 28.10 10.77
CA ILE B 244 -48.81 28.96 10.19
C ILE B 244 -49.04 30.43 10.56
N LYS B 245 -50.30 30.87 10.57
CA LYS B 245 -50.63 32.27 10.88
C LYS B 245 -50.62 32.60 12.38
N ASN B 246 -51.02 31.65 13.22
CA ASN B 246 -51.27 31.91 14.65
C ASN B 246 -50.25 31.29 15.60
N GLU B 247 -49.95 30.01 15.43
CA GLU B 247 -49.15 29.25 16.42
C GLU B 247 -47.67 29.64 16.45
N PRO B 248 -47.04 29.55 17.63
CA PRO B 248 -45.60 29.80 17.70
C PRO B 248 -44.81 28.56 17.30
N VAL B 249 -43.51 28.75 17.03
CA VAL B 249 -42.60 27.63 16.77
C VAL B 249 -42.36 26.89 18.09
N VAL B 250 -42.58 25.58 18.10
CA VAL B 250 -42.29 24.75 19.26
C VAL B 250 -41.19 23.73 18.94
N PHE B 251 -40.08 23.83 19.67
CA PHE B 251 -38.98 22.90 19.55
C PHE B 251 -39.28 21.69 20.45
N PRO B 252 -39.20 20.46 19.92
CA PRO B 252 -39.38 19.27 20.78
C PRO B 252 -38.31 19.10 21.88
N GLU B 253 -38.51 18.11 22.75
CA GLU B 253 -37.50 17.77 23.78
C GLU B 253 -36.26 17.13 23.13
N GLU B 254 -36.51 16.06 22.37
CA GLU B 254 -35.48 15.32 21.63
C GLU B 254 -35.79 15.36 20.13
N PRO B 255 -34.78 15.55 19.27
CA PRO B 255 -33.39 15.77 19.67
C PRO B 255 -33.13 17.18 20.22
N GLU B 256 -32.07 17.27 21.02
CA GLU B 256 -31.58 18.53 21.57
C GLU B 256 -30.78 19.23 20.48
N ILE B 257 -30.96 20.54 20.39
CA ILE B 257 -30.16 21.38 19.48
C ILE B 257 -29.64 22.55 20.30
N SER B 258 -28.72 23.31 19.73
CA SER B 258 -28.16 24.46 20.43
C SER B 258 -29.18 25.61 20.47
N GLU B 259 -28.99 26.50 21.45
CA GLU B 259 -29.82 27.68 21.65
C GLU B 259 -29.56 28.73 20.54
N GLU B 260 -28.34 28.72 19.99
CA GLU B 260 -28.01 29.53 18.81
C GLU B 260 -28.83 29.11 17.55
N LEU B 261 -28.97 27.82 17.30
CA LEU B 261 -29.77 27.35 16.16
C LEU B 261 -31.24 27.72 16.38
N LYS B 262 -31.77 27.43 17.57
CA LYS B 262 -33.12 27.85 17.94
C LYS B 262 -33.37 29.35 17.66
N ASP B 263 -32.42 30.17 18.07
CA ASP B 263 -32.47 31.61 17.83
C ASP B 263 -32.51 31.97 16.34
N LEU B 264 -31.71 31.27 15.53
CA LEU B 264 -31.71 31.50 14.09
C LEU B 264 -33.03 31.07 13.45
N ILE B 265 -33.57 29.93 13.89
CA ILE B 265 -34.87 29.43 13.40
C ILE B 265 -35.99 30.43 13.76
N LEU B 266 -35.93 30.97 14.98
CA LEU B 266 -36.97 31.90 15.45
C LEU B 266 -37.00 33.19 14.64
N LYS B 267 -35.82 33.71 14.32
CA LYS B 267 -35.70 34.88 13.44
C LYS B 267 -36.04 34.61 11.97
N MET B 268 -35.78 33.39 11.50
CA MET B 268 -36.20 32.95 10.17
C MET B 268 -37.71 32.69 10.08
N LEU B 269 -38.30 32.18 11.16
CA LEU B 269 -39.74 31.92 11.23
C LEU B 269 -40.54 33.01 12.00
N ASP B 270 -39.96 34.21 12.04
CA ASP B 270 -40.65 35.46 12.38
C ASP B 270 -41.82 35.70 11.42
N LYS B 271 -43.04 35.68 11.96
CA LYS B 271 -44.25 35.88 11.16
C LYS B 271 -44.37 37.29 10.53
N ASN B 272 -43.69 38.27 11.11
CA ASN B 272 -43.63 39.62 10.56
C ASN B 272 -42.49 39.75 9.54
N PRO B 273 -42.82 39.94 8.24
CA PRO B 273 -41.76 40.05 7.21
C PRO B 273 -40.76 41.20 7.34
N GLU B 274 -41.17 42.29 7.99
CA GLU B 274 -40.31 43.48 8.11
C GLU B 274 -39.15 43.26 9.08
N THR B 275 -39.40 42.61 10.22
CA THR B 275 -38.36 42.25 11.20
C THR B 275 -37.71 40.87 10.99
N ARG B 276 -38.25 40.06 10.09
CA ARG B 276 -37.68 38.75 9.76
C ARG B 276 -36.27 38.90 9.29
N ILE B 277 -35.41 37.96 9.67
CA ILE B 277 -34.00 38.02 9.33
C ILE B 277 -33.82 37.90 7.82
N GLY B 278 -32.93 38.72 7.27
CA GLY B 278 -32.63 38.73 5.83
C GLY B 278 -31.36 37.96 5.54
N VAL B 279 -31.16 37.64 4.28
CA VAL B 279 -30.03 36.79 3.89
C VAL B 279 -28.66 37.33 4.34
N PRO B 280 -28.42 38.65 4.23
CA PRO B 280 -27.12 39.16 4.72
C PRO B 280 -26.84 38.93 6.20
N ASP B 281 -27.87 38.97 7.05
CA ASP B 281 -27.73 38.68 8.49
C ASP B 281 -27.69 37.18 8.82
N ILE B 282 -28.36 36.35 8.02
CA ILE B 282 -28.29 34.88 8.18
C ILE B 282 -26.83 34.43 8.03
N LYS B 283 -26.16 34.95 7.00
CA LYS B 283 -24.75 34.63 6.74
C LYS B 283 -23.82 34.95 7.90
N LEU B 284 -24.19 35.99 8.67
CA LEU B 284 -23.39 36.47 9.80
C LEU B 284 -23.84 35.89 11.14
N HIS B 285 -24.88 35.06 11.16
CA HIS B 285 -25.40 34.57 12.44
C HIS B 285 -24.37 33.70 13.17
N PRO B 286 -24.29 33.79 14.53
CA PRO B 286 -23.30 33.02 15.31
C PRO B 286 -23.25 31.52 15.03
N TRP B 287 -24.42 30.91 14.91
CA TRP B 287 -24.53 29.51 14.52
C TRP B 287 -23.92 29.22 13.14
N VAL B 288 -24.11 30.12 12.18
CA VAL B 288 -23.61 29.91 10.82
C VAL B 288 -22.08 30.03 10.74
N THR B 289 -21.49 30.86 11.59
CA THR B 289 -20.05 31.12 11.54
C THR B 289 -19.18 30.15 12.36
N LYS B 290 -19.76 29.42 13.32
CA LYS B 290 -18.97 28.59 14.26
C LYS B 290 -18.11 27.54 13.55
N GLN C 3 36.24 3.99 45.10
CA GLN C 3 36.07 4.18 43.63
C GLN C 3 37.44 4.42 42.96
N LEU C 4 37.86 5.68 42.82
CA LEU C 4 39.13 6.02 42.14
C LEU C 4 40.38 5.65 42.96
N ASN C 5 40.20 5.47 44.28
CA ASN C 5 41.24 4.97 45.20
C ASN C 5 42.20 3.93 44.64
N GLN C 6 41.67 2.88 44.01
CA GLN C 6 42.47 1.72 43.54
C GLN C 6 42.99 1.80 42.09
N TYR C 7 43.25 3.00 41.58
CA TYR C 7 43.77 3.21 40.19
C TYR C 7 44.83 4.32 40.16
N LYS C 8 45.99 4.05 39.58
CA LYS C 8 46.95 5.11 39.25
C LYS C 8 46.84 5.44 37.75
N LEU C 9 46.47 6.67 37.42
CA LEU C 9 46.40 7.13 36.04
C LEU C 9 47.79 7.42 35.53
N GLN C 10 48.21 6.69 34.49
CA GLN C 10 49.56 6.86 33.92
C GLN C 10 49.47 7.70 32.64
N SER C 11 50.28 7.40 31.61
CA SER C 11 50.29 8.25 30.41
C SER C 11 48.96 8.27 29.65
N GLU C 12 48.84 9.25 28.76
CA GLU C 12 47.76 9.33 27.78
C GLU C 12 48.07 8.38 26.65
N ILE C 13 47.12 7.53 26.29
CA ILE C 13 47.31 6.52 25.23
C ILE C 13 46.47 6.77 23.97
N GLY C 14 45.27 7.34 24.11
CA GLY C 14 44.46 7.71 22.96
C GLY C 14 43.56 8.90 23.22
N LYS C 15 42.96 9.41 22.14
CA LYS C 15 41.98 10.48 22.20
C LYS C 15 40.91 10.16 21.16
N GLY C 16 39.70 9.85 21.62
CA GLY C 16 38.58 9.54 20.74
C GLY C 16 37.83 10.79 20.34
N ALA C 17 36.52 10.65 20.20
CA ALA C 17 35.65 11.79 19.86
C ALA C 17 35.50 12.76 21.03
N TYR C 18 35.38 12.24 22.25
CA TYR C 18 35.31 13.06 23.46
C TYR C 18 36.28 12.53 24.52
N GLY C 19 36.79 13.46 25.35
CA GLY C 19 37.72 13.11 26.41
C GLY C 19 39.07 12.61 25.95
N VAL C 20 39.73 11.85 26.82
CA VAL C 20 41.02 11.19 26.52
C VAL C 20 41.02 9.85 27.21
N VAL C 21 41.77 8.92 26.66
CA VAL C 21 41.97 7.61 27.28
C VAL C 21 43.37 7.55 27.89
N ARG C 22 43.42 7.09 29.12
CA ARG C 22 44.67 6.93 29.85
C ARG C 22 44.83 5.50 30.32
N LEU C 23 46.08 5.06 30.36
CA LEU C 23 46.45 3.77 30.91
C LEU C 23 46.27 3.90 32.41
N ALA C 24 45.61 2.93 33.01
CA ALA C 24 45.29 2.97 34.44
C ALA C 24 45.74 1.70 35.12
N TYR C 25 46.63 1.83 36.11
CA TYR C 25 47.18 0.66 36.82
C TYR C 25 46.41 0.44 38.12
N ASN C 26 45.94 -0.78 38.33
CA ASN C 26 45.46 -1.24 39.63
C ASN C 26 46.66 -1.87 40.34
N GLU C 27 47.19 -1.18 41.36
CA GLU C 27 48.31 -1.69 42.15
C GLU C 27 47.91 -2.95 42.95
N SER C 28 46.71 -2.91 43.54
CA SER C 28 46.16 -4.05 44.29
C SER C 28 45.93 -5.33 43.46
N GLU C 29 45.72 -5.17 42.15
CA GLU C 29 45.44 -6.29 41.24
C GLU C 29 46.63 -6.66 40.30
N ASP C 30 47.71 -5.85 40.33
CA ASP C 30 48.80 -5.88 39.29
C ASP C 30 48.23 -6.06 37.88
N ARG C 31 47.37 -5.11 37.49
CA ARG C 31 46.61 -5.18 36.24
C ARG C 31 46.36 -3.78 35.67
N HIS C 32 46.56 -3.65 34.36
CA HIS C 32 46.38 -2.38 33.66
C HIS C 32 45.01 -2.33 32.97
N TYR C 33 44.47 -1.13 32.83
CA TYR C 33 43.16 -0.87 32.25
C TYR C 33 43.22 0.34 31.33
N ALA C 34 42.23 0.47 30.45
CA ALA C 34 42.04 1.69 29.66
C ALA C 34 40.97 2.53 30.32
N MET C 35 41.32 3.72 30.80
CA MET C 35 40.34 4.60 31.42
C MET C 35 40.06 5.84 30.57
N LYS C 36 38.81 6.00 30.11
CA LYS C 36 38.35 7.23 29.48
C LYS C 36 37.95 8.25 30.55
N VAL C 37 38.47 9.47 30.44
CA VAL C 37 38.20 10.54 31.41
C VAL C 37 37.48 11.70 30.73
N LEU C 38 36.29 12.01 31.24
CA LEU C 38 35.47 13.11 30.72
C LEU C 38 35.38 14.19 31.77
N SER C 39 35.63 15.44 31.37
CA SER C 39 35.54 16.61 32.23
C SER C 39 34.22 17.38 31.97
N LYS C 40 33.36 17.47 32.99
CA LYS C 40 32.02 18.10 32.86
C LYS C 40 32.08 19.57 32.41
N LYS C 41 33.02 20.32 32.97
CA LYS C 41 33.28 21.69 32.54
C LYS C 41 33.63 21.73 31.05
N LYS C 42 34.55 20.85 30.64
CA LYS C 42 34.97 20.74 29.24
C LYS C 42 33.91 20.19 28.26
N LEU C 43 33.03 19.30 28.73
CA LEU C 43 31.98 18.73 27.88
C LEU C 43 31.09 19.79 27.24
N LEU C 44 30.80 20.85 27.99
CA LEU C 44 29.89 21.92 27.54
C LEU C 44 30.34 22.59 26.22
N LYS C 45 31.65 22.71 26.00
CA LYS C 45 32.22 23.10 24.70
C LYS C 45 32.02 22.00 23.65
N GLN C 46 32.74 20.88 23.80
CA GLN C 46 32.64 19.69 22.92
C GLN C 46 33.23 19.92 21.53
N LEU C 69 19.37 17.44 22.54
CA LEU C 69 20.04 16.58 23.51
C LEU C 69 21.33 17.22 24.07
N LEU C 70 21.30 17.64 25.34
CA LEU C 70 22.44 18.35 25.95
C LEU C 70 23.65 17.40 26.26
N PRO C 71 24.87 17.96 26.47
CA PRO C 71 26.10 17.16 26.68
C PRO C 71 26.12 16.11 27.81
N LEU C 72 25.90 16.50 29.06
CA LEU C 72 25.97 15.54 30.17
C LEU C 72 24.97 14.39 30.00
N GLU C 73 23.82 14.67 29.37
CA GLU C 73 22.84 13.63 29.01
C GLU C 73 23.33 12.71 27.88
N ARG C 74 23.99 13.29 26.88
CA ARG C 74 24.63 12.52 25.79
C ARG C 74 25.69 11.51 26.28
N VAL C 75 26.39 11.87 27.36
CA VAL C 75 27.30 10.94 28.05
C VAL C 75 26.58 9.74 28.62
N TYR C 76 25.42 9.95 29.24
CA TYR C 76 24.68 8.84 29.84
C TYR C 76 24.00 7.93 28.82
N GLN C 77 23.79 8.45 27.61
CA GLN C 77 23.33 7.60 26.50
C GLN C 77 24.45 6.64 26.10
N GLU C 78 25.69 7.14 26.07
CA GLU C 78 26.86 6.31 25.79
C GLU C 78 26.99 5.21 26.84
N ILE C 79 26.96 5.60 28.11
CA ILE C 79 27.11 4.64 29.21
C ILE C 79 26.02 3.56 29.17
N ALA C 80 24.79 3.97 28.86
CA ALA C 80 23.67 3.04 28.68
C ALA C 80 23.93 1.99 27.60
N ILE C 81 24.50 2.42 26.47
CA ILE C 81 24.93 1.52 25.41
C ILE C 81 26.09 0.64 25.90
N LEU C 82 27.15 1.27 26.43
CA LEU C 82 28.37 0.55 26.89
C LEU C 82 28.09 -0.60 27.87
N LYS C 83 27.12 -0.40 28.75
CA LYS C 83 26.73 -1.45 29.71
C LYS C 83 26.06 -2.67 29.08
N LYS C 84 25.45 -2.51 27.91
CA LYS C 84 24.81 -3.63 27.17
C LYS C 84 25.74 -4.30 26.14
N LEU C 85 27.05 -4.05 26.23
CA LEU C 85 28.02 -4.56 25.25
C LEU C 85 28.72 -5.77 25.83
N ASP C 86 28.43 -6.95 25.28
CA ASP C 86 29.09 -8.19 25.67
C ASP C 86 29.36 -9.06 24.44
N HIS C 87 30.47 -8.77 23.76
CA HIS C 87 30.82 -9.48 22.53
C HIS C 87 32.32 -9.41 22.26
N VAL C 88 32.88 -10.47 21.68
CA VAL C 88 34.34 -10.62 21.48
C VAL C 88 34.96 -9.54 20.58
N ASN C 89 34.14 -8.93 19.73
CA ASN C 89 34.56 -7.89 18.78
C ASN C 89 34.02 -6.51 19.18
N VAL C 90 33.68 -6.33 20.45
CA VAL C 90 33.33 -5.04 21.05
C VAL C 90 34.09 -4.88 22.38
N VAL C 91 34.44 -3.66 22.75
CA VAL C 91 35.09 -3.37 24.04
C VAL C 91 34.17 -3.68 25.21
N LYS C 92 34.75 -3.82 26.40
CA LYS C 92 34.00 -4.19 27.59
C LYS C 92 34.18 -3.10 28.64
N LEU C 93 33.06 -2.50 29.05
CA LEU C 93 33.03 -1.57 30.17
C LEU C 93 33.11 -2.38 31.46
N ILE C 94 34.02 -2.00 32.36
CA ILE C 94 34.17 -2.63 33.66
C ILE C 94 33.36 -1.88 34.72
N GLU C 95 33.65 -0.59 34.87
CA GLU C 95 32.91 0.25 35.80
C GLU C 95 32.97 1.72 35.48
N VAL C 96 32.07 2.46 36.12
CA VAL C 96 31.97 3.91 36.02
C VAL C 96 32.25 4.50 37.39
N LEU C 97 33.05 5.55 37.44
CA LEU C 97 33.29 6.30 38.67
C LEU C 97 32.71 7.69 38.49
N ASP C 98 31.68 7.98 39.30
CA ASP C 98 30.65 8.95 38.93
C ASP C 98 30.20 9.80 40.12
N ASP C 99 31.16 10.36 40.85
CA ASP C 99 30.87 11.20 42.02
C ASP C 99 30.32 12.55 41.54
N PRO C 100 29.06 12.89 41.90
CA PRO C 100 28.46 14.16 41.47
C PRO C 100 29.18 15.42 41.95
N ALA C 101 29.98 15.33 43.02
CA ALA C 101 30.79 16.47 43.50
C ALA C 101 31.90 16.81 42.52
N GLU C 102 32.59 15.77 42.02
CA GLU C 102 33.77 15.93 41.19
C GLU C 102 33.42 16.31 39.75
N ASP C 103 34.30 17.11 39.15
CA ASP C 103 34.21 17.50 37.75
C ASP C 103 34.37 16.29 36.81
N ASN C 104 35.30 15.40 37.14
CA ASN C 104 35.63 14.29 36.26
C ASN C 104 34.69 13.10 36.42
N LEU C 105 34.45 12.42 35.31
CA LEU C 105 33.70 11.18 35.24
C LEU C 105 34.65 10.17 34.58
N TYR C 106 34.81 8.98 35.16
CA TYR C 106 35.78 7.99 34.67
C TYR C 106 35.09 6.71 34.20
N LEU C 107 35.37 6.28 32.98
CA LEU C 107 34.88 5.01 32.44
C LEU C 107 36.06 4.04 32.26
N VAL C 108 36.01 2.91 32.96
CA VAL C 108 37.10 1.93 32.95
C VAL C 108 36.74 0.77 32.02
N PHE C 109 37.60 0.53 31.04
CA PHE C 109 37.46 -0.57 30.08
C PHE C 109 38.62 -1.53 30.25
N ASP C 110 38.49 -2.72 29.67
CA ASP C 110 39.62 -3.64 29.56
C ASP C 110 40.59 -3.12 28.52
N LEU C 111 41.88 -3.28 28.80
CA LEU C 111 42.95 -2.74 27.96
C LEU C 111 43.23 -3.66 26.80
N LEU C 112 43.32 -3.09 25.60
CA LEU C 112 43.91 -3.77 24.46
C LEU C 112 45.15 -3.00 24.10
N ARG C 113 46.28 -3.47 24.65
CA ARG C 113 47.51 -2.65 24.77
C ARG C 113 48.14 -2.25 23.44
N LYS C 114 47.86 -3.03 22.40
CA LYS C 114 48.35 -2.73 21.06
C LYS C 114 47.66 -1.50 20.44
N GLY C 115 46.48 -1.16 20.93
CA GLY C 115 45.74 -0.01 20.43
C GLY C 115 45.19 -0.19 19.02
N PRO C 116 44.89 0.94 18.33
CA PRO C 116 44.30 0.92 16.98
C PRO C 116 45.02 -0.01 15.99
N VAL C 117 44.26 -0.72 15.17
CA VAL C 117 44.83 -1.65 14.20
C VAL C 117 45.65 -0.91 13.13
N MET C 118 45.19 0.28 12.74
CA MET C 118 45.83 1.07 11.68
C MET C 118 45.47 2.54 11.87
N GLU C 119 46.40 3.41 11.52
CA GLU C 119 46.12 4.84 11.41
C GLU C 119 46.43 5.28 9.98
N VAL C 120 45.50 6.01 9.40
CA VAL C 120 45.51 6.39 7.99
C VAL C 120 45.95 7.85 7.88
N PRO C 121 46.93 8.18 7.03
CA PRO C 121 47.60 7.27 6.12
C PRO C 121 48.69 6.42 6.76
N CYS C 122 49.08 5.35 6.08
CA CYS C 122 50.32 4.64 6.41
C CYS C 122 50.81 3.85 5.22
N ASP C 123 52.14 3.75 5.11
CA ASP C 123 52.78 3.21 3.91
C ASP C 123 52.67 1.68 3.80
N LYS C 124 52.54 0.97 4.92
CA LYS C 124 52.53 -0.50 4.93
C LYS C 124 51.15 -1.06 5.28
N PRO C 125 50.26 -1.21 4.26
CA PRO C 125 48.96 -1.84 4.51
C PRO C 125 49.03 -3.34 4.77
N PHE C 126 47.91 -3.91 5.18
CA PHE C 126 47.82 -5.33 5.44
C PHE C 126 47.63 -6.06 4.13
N SER C 127 48.06 -7.32 4.10
CA SER C 127 47.73 -8.21 3.01
C SER C 127 46.21 -8.36 2.92
N GLU C 128 45.77 -8.79 1.74
CA GLU C 128 44.37 -9.09 1.50
C GLU C 128 43.81 -10.12 2.51
N GLU C 129 44.62 -11.14 2.83
CA GLU C 129 44.20 -12.26 3.66
C GLU C 129 44.09 -11.83 5.11
N GLN C 130 45.04 -11.00 5.57
CA GLN C 130 44.94 -10.38 6.91
C GLN C 130 43.76 -9.40 7.02
N ALA C 131 43.57 -8.58 5.99
CA ALA C 131 42.40 -7.69 5.94
C ALA C 131 41.06 -8.43 6.06
N ARG C 132 40.95 -9.59 5.40
CA ARG C 132 39.76 -10.44 5.48
C ARG C 132 39.45 -10.83 6.92
N LEU C 133 40.47 -11.23 7.67
CA LEU C 133 40.29 -11.66 9.09
C LEU C 133 39.86 -10.51 9.98
N TYR C 134 40.37 -9.32 9.70
CA TYR C 134 39.93 -8.13 10.44
C TYR C 134 38.52 -7.72 10.02
N LEU C 135 38.18 -7.87 8.74
CA LEU C 135 36.84 -7.54 8.28
C LEU C 135 35.78 -8.41 8.96
N ARG C 136 36.03 -9.72 9.02
CA ARG C 136 35.14 -10.63 9.74
C ARG C 136 34.91 -10.19 11.17
N ASP C 137 35.98 -9.74 11.85
CA ASP C 137 35.87 -9.21 13.23
C ASP C 137 34.91 -8.03 13.31
N VAL C 138 35.10 -7.07 12.41
CA VAL C 138 34.28 -5.87 12.39
C VAL C 138 32.83 -6.16 12.05
N ILE C 139 32.61 -7.02 11.04
CA ILE C 139 31.28 -7.48 10.69
C ILE C 139 30.58 -8.20 11.87
N LEU C 140 31.26 -9.17 12.48
CA LEU C 140 30.63 -9.92 13.58
C LEU C 140 30.20 -8.95 14.67
N GLY C 141 31.07 -7.97 14.95
CA GLY C 141 30.79 -6.93 15.94
C GLY C 141 29.65 -6.02 15.53
N LEU C 142 29.65 -5.58 14.28
CA LEU C 142 28.59 -4.72 13.77
C LEU C 142 27.24 -5.43 13.86
N GLU C 143 27.21 -6.70 13.45
CA GLU C 143 25.99 -7.54 13.53
C GLU C 143 25.46 -7.67 14.96
N TYR C 144 26.38 -7.83 15.92
CA TYR C 144 26.01 -7.84 17.33
C TYR C 144 25.34 -6.54 17.75
N LEU C 145 25.94 -5.42 17.34
CA LEU C 145 25.44 -4.10 17.69
C LEU C 145 24.08 -3.85 17.04
N HIS C 146 23.97 -4.19 15.76
CA HIS C 146 22.72 -4.04 15.04
C HIS C 146 21.62 -4.91 15.63
N CYS C 147 21.92 -6.16 15.93
CA CYS C 147 20.98 -7.05 16.63
C CYS C 147 20.60 -6.50 18.01
N GLN C 148 21.53 -5.85 18.70
CA GLN C 148 21.24 -5.16 19.97
C GLN C 148 20.57 -3.78 19.81
N LYS C 149 20.14 -3.43 18.59
CA LYS C 149 19.59 -2.12 18.28
C LYS C 149 20.50 -0.96 18.68
N ILE C 150 21.74 -1.01 18.20
CA ILE C 150 22.70 0.08 18.30
C ILE C 150 23.30 0.30 16.92
N VAL C 151 23.50 1.56 16.53
CA VAL C 151 24.37 1.90 15.41
C VAL C 151 25.57 2.71 15.93
N HIS C 152 26.75 2.42 15.40
CA HIS C 152 27.99 2.94 15.96
C HIS C 152 28.27 4.35 15.49
N ARG C 153 28.10 4.58 14.19
CA ARG C 153 28.20 5.90 13.55
C ARG C 153 29.60 6.48 13.32
N ASP C 154 30.66 5.78 13.75
CA ASP C 154 32.05 6.24 13.51
C ASP C 154 33.01 5.05 13.35
N ILE C 155 32.64 4.12 12.48
CA ILE C 155 33.47 2.97 12.23
C ILE C 155 34.60 3.43 11.31
N LYS C 156 35.84 3.23 11.77
CA LYS C 156 37.03 3.47 10.96
C LYS C 156 38.17 2.66 11.58
N PRO C 157 39.33 2.56 10.90
CA PRO C 157 40.47 1.81 11.44
C PRO C 157 40.89 2.21 12.84
N SER C 158 40.97 3.52 13.09
CA SER C 158 41.49 4.01 14.35
C SER C 158 40.54 3.82 15.54
N ASN C 159 39.31 3.32 15.30
CA ASN C 159 38.41 2.90 16.38
C ASN C 159 38.32 1.37 16.53
N LEU C 160 39.20 0.66 15.82
CA LEU C 160 39.27 -0.79 15.88
C LEU C 160 40.57 -1.17 16.59
N LEU C 161 40.45 -1.72 17.80
CA LEU C 161 41.61 -1.99 18.66
C LEU C 161 42.05 -3.43 18.52
N LEU C 162 43.34 -3.66 18.38
CA LEU C 162 43.90 -4.98 18.12
C LEU C 162 44.15 -5.70 19.44
N GLY C 163 43.45 -6.82 19.64
CA GLY C 163 43.68 -7.70 20.79
C GLY C 163 44.92 -8.56 20.63
N ASP C 164 45.42 -9.06 21.76
CA ASP C 164 46.56 -9.97 21.79
C ASP C 164 46.26 -11.30 21.09
N ASP C 165 44.98 -11.69 21.04
CA ASP C 165 44.53 -12.87 20.30
C ASP C 165 44.41 -12.65 18.80
N GLY C 166 44.73 -11.46 18.31
CA GLY C 166 44.72 -11.17 16.86
C GLY C 166 43.40 -10.61 16.35
N HIS C 167 42.36 -10.67 17.18
CA HIS C 167 41.04 -10.11 16.85
C HIS C 167 40.85 -8.64 17.24
N VAL C 168 40.19 -7.87 16.38
CA VAL C 168 39.92 -6.46 16.65
C VAL C 168 38.60 -6.30 17.41
N LYS C 169 38.53 -5.29 18.28
CA LYS C 169 37.26 -4.94 18.93
C LYS C 169 36.87 -3.50 18.62
N ILE C 170 35.57 -3.28 18.43
CA ILE C 170 35.04 -1.96 18.08
C ILE C 170 35.04 -1.09 19.34
N ALA C 171 35.56 0.12 19.22
CA ALA C 171 35.63 1.07 20.36
C ALA C 171 34.99 2.37 20.01
N ASP C 172 34.89 3.25 21.01
CA ASP C 172 34.43 4.64 20.87
C ASP C 172 32.96 4.71 20.47
N PHE C 173 32.10 4.72 21.50
CA PHE C 173 30.65 4.82 21.32
C PHE C 173 30.12 6.26 21.59
N GLY C 174 30.96 7.25 21.31
CA GLY C 174 30.66 8.65 21.59
C GLY C 174 29.54 9.24 20.78
N VAL C 175 29.30 8.70 19.58
CA VAL C 175 28.22 9.19 18.73
C VAL C 175 27.22 8.10 18.35
N SER C 176 27.31 6.95 19.01
CA SER C 176 26.45 5.83 18.68
C SER C 176 25.03 6.07 19.23
N ASN C 177 24.03 5.43 18.60
CA ASN C 177 22.62 5.64 18.94
C ASN C 177 21.90 4.31 19.10
N GLN C 178 21.07 4.21 20.13
CA GLN C 178 20.06 3.17 20.23
C GLN C 178 18.86 3.54 19.36
N PHE C 179 18.21 2.52 18.78
CA PHE C 179 17.01 2.73 17.97
C PHE C 179 15.95 1.67 18.28
N GLU C 180 14.77 1.83 17.68
CA GLU C 180 13.65 0.86 17.78
C GLU C 180 13.28 0.33 16.39
N GLY C 181 12.78 -0.90 16.36
CA GLY C 181 12.40 -1.55 15.12
C GLY C 181 13.56 -1.97 14.23
N ASN C 182 13.35 -1.90 12.92
CA ASN C 182 14.31 -2.41 11.91
C ASN C 182 15.61 -1.61 11.79
N ASP C 183 15.57 -0.31 12.07
CA ASP C 183 16.68 0.59 11.71
C ASP C 183 16.56 1.96 12.40
N ALA C 184 17.70 2.62 12.59
CA ALA C 184 17.75 3.97 13.13
C ALA C 184 17.50 4.94 12.00
N GLN C 185 16.56 5.87 12.21
CA GLN C 185 16.23 6.88 11.21
C GLN C 185 16.87 8.20 11.67
N LEU C 186 17.87 8.67 10.93
CA LEU C 186 18.75 9.75 11.39
C LEU C 186 18.73 10.94 10.43
N SER C 187 18.79 12.15 11.00
CA SER C 187 18.78 13.41 10.25
C SER C 187 20.15 14.10 10.27
N SER C 188 20.73 14.23 11.46
CA SER C 188 22.05 14.85 11.63
C SER C 188 23.16 13.90 11.22
N THR C 189 24.30 14.48 10.86
CA THR C 189 25.52 13.73 10.67
C THR C 189 26.29 13.70 11.99
N ALA C 190 27.19 12.73 12.10
CA ALA C 190 28.08 12.57 13.24
C ALA C 190 29.18 11.55 12.87
N GLY C 191 30.35 11.68 13.48
CA GLY C 191 31.49 10.81 13.21
C GLY C 191 32.50 11.49 12.31
N THR C 192 33.27 10.71 11.53
CA THR C 192 34.36 11.24 10.71
C THR C 192 33.96 11.50 9.24
N PRO C 193 34.29 12.69 8.69
CA PRO C 193 33.97 13.06 7.29
C PRO C 193 34.31 12.03 6.21
N ALA C 194 35.56 11.57 6.21
CA ALA C 194 36.04 10.60 5.22
C ALA C 194 35.29 9.25 5.19
N PHE C 195 34.54 8.95 6.25
CA PHE C 195 33.78 7.72 6.40
C PHE C 195 32.25 7.94 6.37
N MET C 196 31.81 9.17 6.09
CA MET C 196 30.37 9.45 5.99
C MET C 196 29.86 9.02 4.61
N ALA C 197 28.71 8.37 4.60
CA ALA C 197 28.11 7.90 3.35
C ALA C 197 27.51 9.08 2.57
N PRO C 198 27.35 8.94 1.24
CA PRO C 198 26.85 10.07 0.43
C PRO C 198 25.50 10.62 0.90
N GLU C 199 24.56 9.74 1.24
CA GLU C 199 23.25 10.18 1.72
C GLU C 199 23.29 11.02 3.01
N ALA C 200 24.32 10.82 3.83
CA ALA C 200 24.46 11.57 5.09
C ALA C 200 25.00 12.97 4.90
N ILE C 201 26.03 13.12 4.08
CA ILE C 201 26.70 14.44 3.90
C ILE C 201 25.86 15.55 3.25
N SER C 202 24.76 15.18 2.56
CA SER C 202 23.79 16.16 2.06
C SER C 202 23.07 16.88 3.21
N SER C 204 20.63 18.99 4.88
CA SER C 204 20.11 17.73 5.42
C SER C 204 19.14 17.07 4.43
N GLY C 205 17.96 17.67 4.26
CA GLY C 205 16.92 17.13 3.39
C GLY C 205 16.26 15.91 3.98
N GLN C 206 16.41 14.77 3.31
CA GLN C 206 15.81 13.51 3.76
C GLN C 206 16.61 12.91 4.93
N SER C 207 15.96 12.03 5.69
CA SER C 207 16.59 11.27 6.77
C SER C 207 17.01 9.85 6.29
N PHE C 208 18.00 9.26 6.96
CA PHE C 208 18.71 8.09 6.42
C PHE C 208 18.86 6.90 7.39
N SER C 209 19.09 5.73 6.79
CA SER C 209 19.32 4.46 7.51
C SER C 209 20.63 4.46 8.33
N GLY C 210 20.52 4.09 9.60
CA GLY C 210 21.68 3.96 10.47
C GLY C 210 22.55 2.79 10.04
N LYS C 211 21.91 1.63 9.91
CA LYS C 211 22.62 0.39 9.53
C LYS C 211 23.41 0.57 8.23
N ALA C 212 22.81 1.23 7.24
CA ALA C 212 23.49 1.47 5.97
C ALA C 212 24.65 2.44 6.06
N LEU C 213 24.61 3.39 7.00
CA LEU C 213 25.76 4.29 7.26
C LEU C 213 26.96 3.50 7.85
N ASP C 214 26.71 2.63 8.82
CA ASP C 214 27.75 1.75 9.36
C ASP C 214 28.39 0.84 8.28
N VAL C 215 27.59 0.32 7.37
CA VAL C 215 28.09 -0.50 6.27
C VAL C 215 29.02 0.33 5.39
N TRP C 216 28.62 1.57 5.06
CA TRP C 216 29.47 2.41 4.20
C TRP C 216 30.84 2.65 4.84
N ALA C 217 30.82 3.01 6.12
CA ALA C 217 32.05 3.26 6.89
C ALA C 217 32.96 2.03 6.90
N THR C 218 32.36 0.85 7.07
CA THR C 218 33.13 -0.40 7.06
C THR C 218 33.71 -0.72 5.71
N GLY C 219 33.03 -0.32 4.65
CA GLY C 219 33.60 -0.39 3.30
C GLY C 219 34.82 0.50 3.16
N VAL C 220 34.75 1.73 3.65
CA VAL C 220 35.91 2.63 3.61
C VAL C 220 37.05 2.06 4.47
N THR C 221 36.67 1.39 5.56
CA THR C 221 37.61 0.69 6.46
C THR C 221 38.31 -0.45 5.74
N LEU C 222 37.53 -1.27 5.01
CA LEU C 222 38.11 -2.36 4.22
C LEU C 222 39.11 -1.82 3.18
N TYR C 223 38.71 -0.74 2.50
CA TYR C 223 39.58 -0.07 1.53
C TYR C 223 40.89 0.37 2.20
N CYS C 224 40.82 0.94 3.41
CA CYS C 224 42.04 1.34 4.15
C CYS C 224 42.90 0.14 4.52
N PHE C 225 42.29 -0.96 4.94
CA PHE C 225 43.05 -2.17 5.31
C PHE C 225 44.07 -2.60 4.26
N VAL C 226 43.65 -2.66 2.99
CA VAL C 226 44.52 -3.15 1.89
C VAL C 226 45.31 -2.04 1.17
N TYR C 227 44.87 -0.78 1.25
CA TYR C 227 45.57 0.33 0.57
C TYR C 227 46.25 1.33 1.50
N GLY C 228 45.94 1.32 2.79
CA GLY C 228 46.55 2.25 3.75
C GLY C 228 46.14 3.71 3.63
N LYS C 229 45.13 3.99 2.81
CA LYS C 229 44.67 5.34 2.55
C LYS C 229 43.22 5.26 2.17
N CYS C 230 42.49 6.33 2.46
CA CYS C 230 41.07 6.40 2.15
C CYS C 230 40.78 6.42 0.62
N PRO C 231 39.60 5.98 0.21
CA PRO C 231 39.22 6.04 -1.21
C PRO C 231 38.85 7.45 -1.71
N PHE C 232 38.53 8.36 -0.79
CA PHE C 232 38.26 9.76 -1.11
C PHE C 232 39.06 10.61 -0.15
N ILE C 233 40.00 11.37 -0.71
CA ILE C 233 41.02 12.10 0.03
C ILE C 233 40.97 13.55 -0.42
N ASP C 234 40.79 14.47 0.54
CA ASP C 234 40.91 15.91 0.27
C ASP C 234 40.97 16.74 1.54
N ASP C 235 41.93 17.66 1.63
CA ASP C 235 42.08 18.55 2.80
C ASP C 235 40.95 19.59 2.89
N PHE C 236 40.37 20.00 1.77
CA PHE C 236 39.19 20.89 1.75
C PHE C 236 37.94 20.02 1.89
N ILE C 237 37.18 20.23 2.97
CA ILE C 237 36.00 19.39 3.26
C ILE C 237 34.90 19.44 2.18
N LEU C 238 34.74 20.59 1.51
CA LEU C 238 33.75 20.71 0.42
C LEU C 238 34.14 19.85 -0.77
N ALA C 239 35.43 19.84 -1.12
CA ALA C 239 35.95 18.97 -2.16
C ALA C 239 35.89 17.48 -1.77
N LEU C 240 35.97 17.17 -0.47
CA LEU C 240 35.78 15.81 0.03
C LEU C 240 34.33 15.36 -0.18
N HIS C 241 33.38 16.21 0.22
CA HIS C 241 31.94 15.95 0.04
C HIS C 241 31.55 15.71 -1.44
N ARG C 242 32.16 16.49 -2.35
CA ARG C 242 32.00 16.35 -3.81
C ARG C 242 32.46 14.96 -4.26
N LYS C 243 33.71 14.62 -3.94
CA LYS C 243 34.29 13.32 -4.26
C LYS C 243 33.49 12.14 -3.71
N ILE C 244 32.98 12.26 -2.48
CA ILE C 244 32.18 11.18 -1.89
C ILE C 244 30.87 10.98 -2.65
N LYS C 245 30.17 12.08 -2.94
CA LYS C 245 28.85 12.00 -3.61
C LYS C 245 28.92 11.75 -5.13
N ASN C 246 30.03 12.14 -5.78
CA ASN C 246 30.14 12.11 -7.25
C ASN C 246 31.19 11.12 -7.81
N GLU C 247 32.42 11.11 -7.28
CA GLU C 247 33.50 10.27 -7.84
C GLU C 247 33.31 8.78 -7.53
N PRO C 248 33.70 7.91 -8.48
CA PRO C 248 33.64 6.48 -8.21
C PRO C 248 34.83 6.01 -7.38
N VAL C 249 34.76 4.77 -6.89
CA VAL C 249 35.89 4.16 -6.20
C VAL C 249 36.93 3.81 -7.26
N VAL C 250 38.20 4.03 -6.95
CA VAL C 250 39.30 3.82 -7.90
C VAL C 250 40.40 2.98 -7.23
N PHE C 251 40.72 1.86 -7.86
CA PHE C 251 41.71 0.93 -7.34
C PHE C 251 43.04 1.26 -7.97
N PRO C 252 44.08 1.54 -7.16
CA PRO C 252 45.43 1.63 -7.73
C PRO C 252 45.78 0.28 -8.32
N GLU C 253 46.64 0.26 -9.34
CA GLU C 253 47.04 -1.01 -9.92
C GLU C 253 48.03 -1.76 -9.00
N GLU C 254 48.73 -1.01 -8.14
CA GLU C 254 49.52 -1.59 -7.05
C GLU C 254 49.18 -0.94 -5.68
N PRO C 255 49.09 -1.72 -4.58
CA PRO C 255 49.20 -3.18 -4.60
C PRO C 255 48.00 -3.84 -5.25
N GLU C 256 48.23 -4.97 -5.89
CA GLU C 256 47.15 -5.72 -6.53
C GLU C 256 46.34 -6.46 -5.46
N ILE C 257 45.01 -6.31 -5.55
CA ILE C 257 44.07 -7.12 -4.75
C ILE C 257 43.21 -7.95 -5.71
N SER C 258 42.33 -8.78 -5.17
CA SER C 258 41.52 -9.68 -5.99
C SER C 258 40.26 -9.01 -6.51
N GLU C 259 39.75 -9.56 -7.60
CA GLU C 259 38.49 -9.11 -8.19
C GLU C 259 37.31 -9.38 -7.27
N GLU C 260 37.37 -10.47 -6.51
CA GLU C 260 36.35 -10.77 -5.51
C GLU C 260 36.32 -9.69 -4.41
N LEU C 261 37.49 -9.26 -3.92
CA LEU C 261 37.55 -8.19 -2.92
C LEU C 261 37.00 -6.87 -3.50
N LYS C 262 37.50 -6.47 -4.67
CA LYS C 262 36.99 -5.28 -5.38
C LYS C 262 35.47 -5.31 -5.51
N ASP C 263 34.92 -6.49 -5.79
CA ASP C 263 33.50 -6.64 -5.92
C ASP C 263 32.76 -6.33 -4.63
N LEU C 264 33.28 -6.80 -3.51
CA LEU C 264 32.71 -6.47 -2.18
C LEU C 264 32.84 -4.98 -1.86
N ILE C 265 34.00 -4.42 -2.15
CA ILE C 265 34.23 -3.01 -1.82
C ILE C 265 33.19 -2.16 -2.58
N LEU C 266 32.97 -2.48 -3.87
CA LEU C 266 32.01 -1.73 -4.70
C LEU C 266 30.58 -1.82 -4.16
N LYS C 267 30.22 -3.01 -3.66
CA LYS C 267 28.91 -3.21 -3.04
C LYS C 267 28.75 -2.43 -1.74
N MET C 268 29.80 -2.35 -0.92
CA MET C 268 29.74 -1.62 0.37
C MET C 268 29.83 -0.10 0.15
N LEU C 269 30.63 0.31 -0.84
CA LEU C 269 30.71 1.71 -1.26
C LEU C 269 29.79 2.05 -2.45
N ASP C 270 28.68 1.34 -2.56
CA ASP C 270 27.58 1.69 -3.44
C ASP C 270 26.86 2.93 -2.90
N LYS C 271 26.86 4.01 -3.71
CA LYS C 271 26.32 5.30 -3.27
C LYS C 271 24.82 5.33 -2.97
N ASN C 272 24.05 4.40 -3.55
CA ASN C 272 22.61 4.31 -3.26
C ASN C 272 22.36 3.37 -2.05
N PRO C 273 21.88 3.92 -0.89
CA PRO C 273 21.58 3.06 0.29
C PRO C 273 20.57 1.93 0.12
N GLU C 274 19.73 2.03 -0.91
CA GLU C 274 18.76 0.98 -1.25
C GLU C 274 19.42 -0.28 -1.79
N THR C 275 20.28 -0.09 -2.80
CA THR C 275 21.01 -1.20 -3.42
C THR C 275 22.27 -1.66 -2.63
N ARG C 276 22.77 -0.83 -1.72
CA ARG C 276 23.96 -1.17 -0.91
C ARG C 276 23.77 -2.45 -0.13
N ILE C 277 24.85 -3.22 -0.05
CA ILE C 277 24.81 -4.54 0.55
C ILE C 277 24.64 -4.43 2.07
N GLY C 278 23.77 -5.25 2.64
CA GLY C 278 23.54 -5.29 4.08
C GLY C 278 24.50 -6.26 4.75
N VAL C 279 24.50 -6.27 6.07
CA VAL C 279 25.45 -7.09 6.82
C VAL C 279 25.26 -8.61 6.57
N PRO C 280 24.01 -9.11 6.62
CA PRO C 280 23.81 -10.56 6.45
C PRO C 280 24.29 -11.13 5.09
N ASP C 281 24.31 -10.30 4.05
CA ASP C 281 24.84 -10.69 2.74
C ASP C 281 26.36 -10.49 2.58
N ILE C 282 26.93 -9.55 3.34
CA ILE C 282 28.38 -9.40 3.42
C ILE C 282 28.99 -10.67 3.99
N LYS C 283 28.29 -11.28 4.95
CA LYS C 283 28.71 -12.55 5.54
C LYS C 283 28.76 -13.69 4.52
N LEU C 284 27.83 -13.68 3.57
CA LEU C 284 27.75 -14.68 2.51
C LEU C 284 28.46 -14.25 1.22
N HIS C 285 29.24 -13.17 1.24
CA HIS C 285 30.02 -12.85 0.04
C HIS C 285 31.20 -13.84 -0.07
N PRO C 286 31.49 -14.34 -1.29
CA PRO C 286 32.54 -15.36 -1.44
C PRO C 286 33.95 -14.93 -0.99
N TRP C 287 34.24 -13.63 -1.04
CA TRP C 287 35.50 -13.12 -0.50
C TRP C 287 35.57 -13.28 1.01
N VAL C 288 34.46 -13.02 1.69
CA VAL C 288 34.40 -13.20 3.14
C VAL C 288 34.47 -14.67 3.55
N THR C 289 33.72 -15.54 2.88
CA THR C 289 33.63 -16.95 3.28
C THR C 289 34.79 -17.85 2.81
N LYS C 290 35.47 -17.49 1.72
CA LYS C 290 36.66 -18.21 1.24
C LYS C 290 37.84 -17.25 1.08
N MET D 2 29.61 -20.74 8.24
CA MET D 2 28.80 -20.63 9.50
C MET D 2 27.83 -21.80 9.62
N GLN D 3 27.30 -22.03 10.83
CA GLN D 3 26.45 -23.20 11.11
C GLN D 3 24.96 -22.84 11.02
N LEU D 4 24.27 -23.50 10.09
CA LEU D 4 22.81 -23.41 9.94
C LEU D 4 22.19 -24.72 10.42
N ASN D 5 21.85 -24.78 11.71
CA ASN D 5 21.36 -26.00 12.35
C ASN D 5 22.42 -27.12 12.15
N GLN D 6 22.05 -28.26 11.54
CA GLN D 6 22.99 -29.38 11.28
C GLN D 6 23.93 -29.22 10.05
N TYR D 7 23.87 -28.07 9.37
CA TYR D 7 24.62 -27.82 8.14
C TYR D 7 25.81 -26.89 8.38
N LYS D 8 26.98 -27.28 7.88
CA LYS D 8 28.15 -26.42 7.82
C LYS D 8 28.19 -25.92 6.38
N LEU D 9 28.00 -24.62 6.20
CA LEU D 9 27.80 -24.04 4.87
C LEU D 9 29.17 -23.79 4.25
N GLN D 10 29.41 -24.35 3.07
CA GLN D 10 30.71 -24.28 2.40
C GLN D 10 30.57 -23.41 1.15
N SER D 11 31.46 -23.58 0.16
CA SER D 11 31.60 -22.58 -0.91
C SER D 11 30.56 -22.67 -2.01
N GLU D 12 30.48 -21.57 -2.76
CA GLU D 12 29.62 -21.43 -3.90
C GLU D 12 30.08 -22.37 -4.98
N ILE D 13 29.12 -23.02 -5.66
CA ILE D 13 29.39 -24.03 -6.68
C ILE D 13 28.66 -23.79 -8.02
N GLY D 14 27.44 -23.23 -7.96
CA GLY D 14 26.73 -22.73 -9.16
C GLY D 14 25.78 -21.57 -8.89
N LYS D 15 25.30 -20.95 -9.97
CA LYS D 15 24.23 -19.94 -9.94
C LYS D 15 23.23 -20.26 -11.06
N GLY D 16 21.94 -20.09 -10.80
CA GLY D 16 20.94 -20.32 -11.83
C GLY D 16 19.69 -19.48 -11.66
N ALA D 17 19.56 -18.43 -12.45
CA ALA D 17 18.35 -17.58 -12.44
C ALA D 17 18.24 -16.68 -11.20
N TYR D 18 18.03 -17.27 -10.01
CA TYR D 18 17.97 -16.54 -8.73
C TYR D 18 18.94 -17.12 -7.73
N GLY D 19 19.52 -16.23 -6.91
CA GLY D 19 20.43 -16.61 -5.84
C GLY D 19 21.72 -17.30 -6.27
N VAL D 20 22.19 -18.19 -5.40
CA VAL D 20 23.41 -18.95 -5.62
C VAL D 20 23.23 -20.29 -4.93
N VAL D 21 23.98 -21.29 -5.36
CA VAL D 21 23.97 -22.60 -4.69
C VAL D 21 25.34 -22.82 -4.09
N ARG D 22 25.34 -23.29 -2.85
CA ARG D 22 26.56 -23.50 -2.10
C ARG D 22 26.61 -24.93 -1.68
N LEU D 23 27.83 -25.44 -1.53
CA LEU D 23 28.05 -26.75 -0.97
C LEU D 23 27.73 -26.62 0.52
N ALA D 24 27.12 -27.67 1.08
CA ALA D 24 26.82 -27.71 2.52
C ALA D 24 27.16 -29.09 3.06
N TYR D 25 27.76 -29.10 4.25
CA TYR D 25 28.23 -30.33 4.88
C TYR D 25 27.41 -30.59 6.13
N ASN D 26 26.71 -31.72 6.15
CA ASN D 26 26.14 -32.25 7.39
C ASN D 26 27.28 -32.95 8.17
N GLU D 27 27.75 -32.30 9.24
CA GLU D 27 28.70 -32.94 10.17
C GLU D 27 28.04 -34.15 10.86
N SER D 28 26.74 -34.03 11.14
CA SER D 28 25.98 -35.01 11.92
C SER D 28 25.61 -36.32 11.22
N GLU D 29 25.85 -36.44 9.90
CA GLU D 29 25.70 -37.74 9.20
C GLU D 29 26.71 -38.00 8.07
N ASP D 30 27.87 -37.33 8.12
CA ASP D 30 28.89 -37.33 7.05
C ASP D 30 28.35 -37.46 5.60
N ARG D 31 27.47 -36.53 5.23
CA ARG D 31 26.93 -36.44 3.88
C ARG D 31 26.90 -34.97 3.47
N HIS D 32 27.11 -34.72 2.18
CA HIS D 32 27.05 -33.35 1.64
C HIS D 32 25.72 -33.09 0.93
N TYR D 33 25.35 -31.81 0.89
CA TYR D 33 24.11 -31.35 0.23
C TYR D 33 24.37 -30.09 -0.59
N ALA D 34 23.39 -29.75 -1.42
CA ALA D 34 23.43 -28.52 -2.23
C ALA D 34 22.41 -27.56 -1.63
N MET D 35 22.85 -26.35 -1.34
CA MET D 35 22.03 -25.41 -0.61
C MET D 35 21.86 -24.17 -1.46
N LYS D 36 20.65 -23.95 -1.97
CA LYS D 36 20.32 -22.71 -2.67
C LYS D 36 20.13 -21.58 -1.64
N VAL D 37 20.87 -20.48 -1.79
CA VAL D 37 20.84 -19.37 -0.81
C VAL D 37 20.19 -18.13 -1.42
N LEU D 38 19.04 -17.75 -0.87
CA LEU D 38 18.31 -16.57 -1.33
C LEU D 38 18.43 -15.41 -0.32
N SER D 39 18.83 -14.24 -0.81
CA SER D 39 18.77 -13.01 -0.03
C SER D 39 17.44 -12.24 -0.28
N LYS D 40 16.66 -12.06 0.80
CA LYS D 40 15.42 -11.27 0.74
C LYS D 40 15.66 -9.83 0.31
N LYS D 41 16.84 -9.30 0.61
CA LYS D 41 17.28 -8.00 0.11
C LYS D 41 17.44 -8.05 -1.41
N LYS D 42 18.22 -9.00 -1.91
CA LYS D 42 18.48 -9.14 -3.37
C LYS D 42 17.20 -9.34 -4.18
N LEU D 43 16.29 -10.15 -3.62
CA LEU D 43 15.01 -10.47 -4.27
C LEU D 43 14.15 -9.27 -4.66
N LEU D 44 14.27 -8.16 -3.92
CA LEU D 44 13.58 -6.92 -4.29
C LEU D 44 14.02 -6.31 -5.64
N LYS D 45 15.27 -6.56 -6.05
CA LYS D 45 15.84 -6.08 -7.35
C LYS D 45 15.36 -4.68 -7.76
N GLN D 68 -1.00 -8.52 -7.59
CA GLN D 68 0.43 -8.50 -7.88
C GLN D 68 1.22 -9.37 -6.91
N LEU D 69 2.17 -10.14 -7.44
CA LEU D 69 2.98 -11.08 -6.65
C LEU D 69 4.23 -10.43 -6.08
N LEU D 70 4.43 -10.57 -4.77
CA LEU D 70 5.71 -10.19 -4.15
C LEU D 70 6.75 -11.29 -4.42
N PRO D 71 8.05 -10.93 -4.49
CA PRO D 71 9.08 -11.93 -4.84
C PRO D 71 9.18 -13.11 -3.86
N LEU D 72 8.98 -12.84 -2.57
CA LEU D 72 8.91 -13.89 -1.55
C LEU D 72 7.74 -14.87 -1.75
N GLU D 73 6.66 -14.41 -2.38
CA GLU D 73 5.51 -15.27 -2.70
C GLU D 73 5.80 -16.08 -3.96
N ARG D 74 6.43 -15.45 -4.94
CA ARG D 74 6.97 -16.14 -6.11
C ARG D 74 7.91 -17.28 -5.68
N VAL D 75 8.79 -16.99 -4.72
CA VAL D 75 9.69 -18.00 -4.15
C VAL D 75 8.95 -19.15 -3.47
N TYR D 76 7.89 -18.85 -2.71
CA TYR D 76 7.15 -19.92 -1.99
C TYR D 76 6.23 -20.74 -2.90
N GLN D 77 6.02 -20.28 -4.14
CA GLN D 77 5.40 -21.13 -5.18
C GLN D 77 6.42 -22.11 -5.77
N GLU D 78 7.66 -21.66 -5.92
CA GLU D 78 8.75 -22.57 -6.33
C GLU D 78 8.85 -23.70 -5.31
N ILE D 79 8.92 -23.35 -4.03
CA ILE D 79 9.00 -24.34 -2.95
C ILE D 79 7.85 -25.35 -3.03
N ALA D 80 6.65 -24.86 -3.30
CA ALA D 80 5.45 -25.70 -3.37
C ALA D 80 5.57 -26.75 -4.49
N ILE D 81 6.14 -26.32 -5.63
CA ILE D 81 6.48 -27.23 -6.74
C ILE D 81 7.56 -28.23 -6.29
N LEU D 82 8.64 -27.72 -5.69
CA LEU D 82 9.75 -28.57 -5.23
C LEU D 82 9.30 -29.66 -4.26
N LYS D 83 8.43 -29.29 -3.31
CA LYS D 83 7.89 -30.24 -2.34
C LYS D 83 7.28 -31.52 -2.96
N LYS D 84 6.65 -31.40 -4.13
CA LYS D 84 5.97 -32.54 -4.77
C LYS D 84 6.79 -33.23 -5.89
N LEU D 85 8.12 -33.18 -5.78
CA LEU D 85 9.03 -33.79 -6.76
C LEU D 85 9.72 -34.99 -6.14
N ASP D 86 9.30 -36.18 -6.56
CA ASP D 86 9.94 -37.43 -6.17
C ASP D 86 10.05 -38.26 -7.45
N HIS D 87 11.21 -38.14 -8.11
CA HIS D 87 11.48 -38.86 -9.35
C HIS D 87 12.98 -38.83 -9.69
N VAL D 88 13.45 -39.95 -10.24
CA VAL D 88 14.91 -40.18 -10.42
C VAL D 88 15.60 -39.25 -11.42
N ASN D 89 14.83 -38.54 -12.25
CA ASN D 89 15.34 -37.51 -13.15
C ASN D 89 14.91 -36.10 -12.75
N VAL D 90 14.66 -35.87 -11.47
CA VAL D 90 14.38 -34.54 -10.94
C VAL D 90 15.14 -34.39 -9.61
N VAL D 91 15.52 -33.17 -9.25
CA VAL D 91 16.19 -32.95 -7.96
C VAL D 91 15.25 -33.33 -6.82
N LYS D 92 15.83 -33.49 -5.64
CA LYS D 92 15.06 -33.74 -4.44
C LYS D 92 15.32 -32.61 -3.46
N LEU D 93 14.25 -31.99 -2.97
CA LEU D 93 14.33 -30.97 -1.94
C LEU D 93 14.25 -31.67 -0.59
N ILE D 94 15.24 -31.41 0.28
CA ILE D 94 15.26 -32.00 1.62
C ILE D 94 14.47 -31.13 2.59
N GLU D 95 14.86 -29.87 2.74
CA GLU D 95 14.13 -28.93 3.61
C GLU D 95 14.34 -27.46 3.26
N VAL D 96 13.50 -26.62 3.88
CA VAL D 96 13.59 -25.18 3.75
C VAL D 96 13.89 -24.61 5.12
N LEU D 97 14.94 -23.79 5.21
CA LEU D 97 15.25 -23.07 6.43
C LEU D 97 14.95 -21.61 6.14
N ASP D 98 13.87 -21.11 6.75
CA ASP D 98 13.49 -19.70 6.63
C ASP D 98 13.10 -19.16 8.00
N ASP D 99 13.89 -18.24 8.52
CA ASP D 99 13.49 -17.46 9.67
C ASP D 99 13.03 -16.13 9.13
N PRO D 100 11.73 -15.81 9.26
CA PRO D 100 11.16 -14.54 8.78
C PRO D 100 11.95 -13.27 9.11
N ALA D 101 12.56 -13.23 10.31
CA ALA D 101 13.39 -12.09 10.75
C ALA D 101 14.73 -11.96 10.00
N GLU D 102 15.39 -13.08 9.73
CA GLU D 102 16.66 -13.09 8.99
C GLU D 102 16.46 -12.67 7.54
N ASP D 103 17.45 -11.99 6.98
CA ASP D 103 17.41 -11.54 5.58
C ASP D 103 17.60 -12.67 4.54
N ASN D 104 18.02 -13.86 5.00
CA ASN D 104 18.35 -14.95 4.10
C ASN D 104 17.42 -16.16 4.27
N LEU D 105 17.47 -17.01 3.27
CA LEU D 105 16.54 -18.12 3.09
C LEU D 105 17.28 -19.25 2.34
N TYR D 106 17.19 -20.47 2.85
CA TYR D 106 18.01 -21.59 2.38
C TYR D 106 17.15 -22.76 1.96
N LEU D 107 17.31 -23.22 0.71
CA LEU D 107 16.67 -24.47 0.22
C LEU D 107 17.72 -25.56 0.05
N VAL D 108 17.50 -26.71 0.68
CA VAL D 108 18.48 -27.80 0.70
C VAL D 108 18.06 -28.96 -0.20
N PHE D 109 19.00 -29.45 -1.02
CA PHE D 109 18.74 -30.49 -2.00
C PHE D 109 19.76 -31.62 -1.86
N ASP D 110 19.45 -32.78 -2.45
CA ASP D 110 20.46 -33.85 -2.58
C ASP D 110 21.50 -33.38 -3.58
N LEU D 111 22.77 -33.61 -3.23
CA LEU D 111 23.91 -33.13 -4.02
C LEU D 111 24.20 -34.08 -5.16
N LEU D 112 24.29 -33.52 -6.36
CA LEU D 112 24.88 -34.19 -7.51
C LEU D 112 26.23 -33.52 -7.79
N ARG D 113 27.28 -33.96 -7.08
CA ARG D 113 28.55 -33.23 -7.01
C ARG D 113 29.19 -32.79 -8.35
N LYS D 114 28.93 -33.53 -9.41
CA LYS D 114 29.52 -33.25 -10.73
C LYS D 114 28.94 -32.01 -11.39
N GLY D 115 27.76 -31.59 -10.95
CA GLY D 115 27.16 -30.35 -11.44
C GLY D 115 26.54 -30.47 -12.82
N PRO D 116 26.29 -29.33 -13.49
CA PRO D 116 25.69 -29.31 -14.82
C PRO D 116 26.44 -30.19 -15.81
N VAL D 117 25.68 -30.88 -16.67
CA VAL D 117 26.21 -31.89 -17.57
C VAL D 117 26.99 -31.25 -18.71
N MET D 118 26.60 -30.03 -19.09
CA MET D 118 27.20 -29.33 -20.22
C MET D 118 26.98 -27.84 -20.06
N GLU D 119 27.92 -27.08 -20.58
CA GLU D 119 27.86 -25.62 -20.57
C GLU D 119 28.13 -25.18 -22.00
N VAL D 120 27.11 -24.65 -22.67
CA VAL D 120 27.29 -24.20 -24.05
C VAL D 120 27.74 -22.73 -24.09
N PRO D 121 28.58 -22.34 -25.05
CA PRO D 121 29.14 -23.21 -26.08
C PRO D 121 30.31 -24.00 -25.50
N CYS D 122 30.57 -25.20 -26.05
CA CYS D 122 31.75 -25.99 -25.67
C CYS D 122 32.37 -26.75 -26.84
N ASP D 123 33.68 -26.93 -26.77
CA ASP D 123 34.45 -27.48 -27.87
C ASP D 123 34.21 -28.98 -28.06
N LYS D 124 33.83 -29.69 -27.00
CA LYS D 124 33.74 -31.14 -27.04
C LYS D 124 32.34 -31.63 -26.67
N PRO D 125 31.46 -31.87 -27.67
CA PRO D 125 30.11 -32.34 -27.38
C PRO D 125 30.06 -33.82 -27.06
N PHE D 126 28.88 -34.32 -26.71
CA PHE D 126 28.70 -35.75 -26.44
C PHE D 126 28.55 -36.46 -27.75
N SER D 127 28.87 -37.75 -27.74
CA SER D 127 28.57 -38.64 -28.84
C SER D 127 27.06 -38.80 -28.94
N GLU D 128 26.61 -39.25 -30.10
CA GLU D 128 25.21 -39.44 -30.36
C GLU D 128 24.61 -40.41 -29.36
N GLU D 129 25.37 -41.46 -29.03
CA GLU D 129 24.88 -42.53 -28.15
C GLU D 129 24.74 -42.05 -26.74
N GLN D 130 25.70 -41.25 -26.26
CA GLN D 130 25.57 -40.64 -24.94
C GLN D 130 24.38 -39.65 -24.92
N ALA D 131 24.26 -38.83 -25.96
CA ALA D 131 23.11 -37.93 -26.12
C ALA D 131 21.76 -38.65 -25.98
N ARG D 132 21.68 -39.89 -26.48
CA ARG D 132 20.47 -40.69 -26.32
C ARG D 132 20.17 -40.90 -24.85
N LEU D 133 21.14 -41.37 -24.10
CA LEU D 133 20.91 -41.70 -22.69
C LEU D 133 20.47 -40.48 -21.88
N TYR D 134 20.99 -39.30 -22.23
CA TYR D 134 20.62 -38.05 -21.56
C TYR D 134 19.26 -37.52 -21.98
N LEU D 135 18.85 -37.78 -23.22
CA LEU D 135 17.53 -37.35 -23.65
C LEU D 135 16.46 -38.17 -22.93
N ARG D 136 16.69 -39.48 -22.82
CA ARG D 136 15.77 -40.35 -22.10
C ARG D 136 15.59 -39.83 -20.68
N ASP D 137 16.69 -39.54 -20.00
CA ASP D 137 16.67 -38.92 -18.65
C ASP D 137 15.79 -37.67 -18.63
N VAL D 138 16.07 -36.73 -19.53
CA VAL D 138 15.34 -35.47 -19.60
C VAL D 138 13.86 -35.71 -19.88
N ILE D 139 13.58 -36.61 -20.82
CA ILE D 139 12.20 -36.90 -21.23
C ILE D 139 11.42 -37.61 -20.13
N LEU D 140 12.00 -38.65 -19.53
CA LEU D 140 11.31 -39.32 -18.43
C LEU D 140 11.02 -38.33 -17.31
N GLY D 141 11.96 -37.43 -17.06
CA GLY D 141 11.82 -36.39 -16.06
C GLY D 141 10.75 -35.39 -16.43
N LEU D 142 10.74 -34.96 -17.68
CA LEU D 142 9.77 -33.98 -18.18
C LEU D 142 8.35 -34.52 -18.23
N GLU D 143 8.20 -35.75 -18.73
CA GLU D 143 6.93 -36.47 -18.66
C GLU D 143 6.38 -36.49 -17.24
N TYR D 144 7.26 -36.76 -16.28
CA TYR D 144 6.87 -36.80 -14.87
C TYR D 144 6.38 -35.44 -14.38
N LEU D 145 7.04 -34.37 -14.82
CA LEU D 145 6.64 -33.03 -14.44
C LEU D 145 5.29 -32.70 -15.07
N HIS D 146 5.14 -33.04 -16.35
CA HIS D 146 3.90 -32.78 -17.05
C HIS D 146 2.72 -33.58 -16.47
N CYS D 147 2.96 -34.83 -16.09
CA CYS D 147 1.91 -35.60 -15.43
CA CYS D 147 1.95 -35.64 -15.39
C CYS D 147 1.55 -34.96 -14.09
N GLN D 148 2.56 -34.55 -13.32
CA GLN D 148 2.34 -33.88 -12.01
C GLN D 148 1.85 -32.43 -12.11
N LYS D 149 1.53 -31.98 -13.32
CA LYS D 149 0.90 -30.68 -13.56
C LYS D 149 1.87 -29.55 -13.20
N ILE D 150 3.07 -29.62 -13.79
CA ILE D 150 4.14 -28.62 -13.67
C ILE D 150 4.83 -28.45 -15.01
N VAL D 151 4.99 -27.21 -15.48
CA VAL D 151 5.90 -26.90 -16.59
C VAL D 151 7.19 -26.23 -16.06
N HIS D 152 8.31 -26.64 -16.62
CA HIS D 152 9.60 -26.22 -16.12
C HIS D 152 9.97 -24.84 -16.60
N ARG D 153 9.83 -24.63 -17.90
CA ARG D 153 10.06 -23.32 -18.54
C ARG D 153 11.50 -22.82 -18.75
N ASP D 154 12.50 -23.60 -18.37
CA ASP D 154 13.92 -23.24 -18.57
C ASP D 154 14.82 -24.48 -18.72
N ILE D 155 14.37 -25.39 -19.59
CA ILE D 155 15.11 -26.60 -19.85
C ILE D 155 16.25 -26.20 -20.75
N LYS D 156 17.45 -26.56 -20.32
CA LYS D 156 18.68 -26.35 -21.09
C LYS D 156 19.73 -27.26 -20.44
N PRO D 157 20.86 -27.50 -21.12
CA PRO D 157 21.91 -28.35 -20.57
C PRO D 157 22.45 -27.91 -19.21
N SER D 158 22.68 -26.62 -19.02
CA SER D 158 23.23 -26.13 -17.75
C SER D 158 22.29 -26.33 -16.56
N ASN D 159 21.01 -26.65 -16.81
CA ASN D 159 20.07 -27.05 -15.75
C ASN D 159 19.85 -28.57 -15.60
N LEU D 160 20.66 -29.36 -16.29
CA LEU D 160 20.69 -30.81 -16.11
C LEU D 160 21.94 -31.22 -15.34
N LEU D 161 21.74 -31.78 -14.16
CA LEU D 161 22.81 -32.12 -13.23
C LEU D 161 23.15 -33.59 -13.34
N LEU D 162 24.43 -33.88 -13.54
CA LEU D 162 24.90 -35.25 -13.76
C LEU D 162 25.12 -35.98 -12.45
N GLY D 163 24.39 -37.09 -12.27
CA GLY D 163 24.60 -37.98 -11.14
C GLY D 163 25.76 -38.93 -11.34
N ASP D 164 26.21 -39.54 -10.25
CA ASP D 164 27.34 -40.48 -10.28
C ASP D 164 26.97 -41.84 -10.87
N ASP D 165 25.67 -42.08 -11.04
CA ASP D 165 25.17 -43.25 -11.77
C ASP D 165 25.03 -43.02 -13.28
N GLY D 166 25.49 -41.86 -13.78
CA GLY D 166 25.47 -41.52 -15.22
C GLY D 166 24.21 -40.78 -15.67
N HIS D 167 23.16 -40.80 -14.85
CA HIS D 167 21.88 -40.19 -15.17
C HIS D 167 21.80 -38.72 -14.72
N VAL D 168 21.23 -37.89 -15.58
CA VAL D 168 21.00 -36.48 -15.27
C VAL D 168 19.64 -36.27 -14.63
N LYS D 169 19.57 -35.27 -13.74
CA LYS D 169 18.33 -34.83 -13.10
C LYS D 169 18.01 -33.37 -13.42
N ILE D 170 16.74 -33.08 -13.72
CA ILE D 170 16.27 -31.72 -13.98
C ILE D 170 16.32 -30.87 -12.71
N ALA D 171 16.79 -29.63 -12.84
CA ALA D 171 16.90 -28.69 -11.71
C ALA D 171 16.60 -27.25 -12.14
N ASP D 172 16.66 -26.34 -11.17
CA ASP D 172 16.32 -24.92 -11.32
C ASP D 172 14.84 -24.75 -11.70
N PHE D 173 13.99 -24.88 -10.68
CA PHE D 173 12.55 -24.67 -10.80
C PHE D 173 12.13 -23.22 -10.50
N GLY D 174 12.99 -22.26 -10.82
CA GLY D 174 12.78 -20.86 -10.47
C GLY D 174 11.69 -20.14 -11.25
N VAL D 175 11.36 -20.60 -12.45
CA VAL D 175 10.32 -19.98 -13.25
C VAL D 175 9.24 -21.01 -13.62
N SER D 176 9.22 -22.11 -12.89
CA SER D 176 8.32 -23.21 -13.19
C SER D 176 6.96 -22.86 -12.65
N ASN D 177 5.91 -23.06 -13.48
CA ASN D 177 4.54 -22.84 -13.05
C ASN D 177 3.77 -24.16 -12.95
N GLN D 178 3.07 -24.32 -11.82
CA GLN D 178 2.03 -25.34 -11.64
C GLN D 178 0.83 -24.95 -12.51
N PHE D 179 0.12 -25.93 -13.06
CA PHE D 179 -1.07 -25.67 -13.90
C PHE D 179 -2.27 -26.58 -13.59
N GLU D 180 -3.45 -26.16 -14.08
CA GLU D 180 -4.69 -26.93 -13.97
C GLU D 180 -5.12 -27.44 -15.35
N GLY D 181 -5.67 -28.66 -15.38
CA GLY D 181 -6.23 -29.24 -16.60
C GLY D 181 -5.19 -29.96 -17.44
N ASN D 182 -5.30 -29.81 -18.76
CA ASN D 182 -4.46 -30.52 -19.72
C ASN D 182 -3.08 -29.91 -19.80
N ASP D 183 -3.05 -28.61 -20.05
CA ASP D 183 -1.82 -27.85 -20.28
C ASP D 183 -1.81 -26.62 -19.35
N ALA D 184 -0.77 -25.80 -19.44
CA ALA D 184 -0.79 -24.42 -18.93
C ALA D 184 -0.95 -23.47 -20.10
N GLN D 185 -1.62 -22.35 -19.85
CA GLN D 185 -1.82 -21.32 -20.87
C GLN D 185 -1.07 -20.09 -20.42
N LEU D 186 -0.03 -19.73 -21.17
CA LEU D 186 0.96 -18.78 -20.70
C LEU D 186 0.95 -17.51 -21.53
N SER D 187 0.97 -16.37 -20.84
CA SER D 187 0.84 -15.04 -21.43
C SER D 187 2.18 -14.37 -21.64
N SER D 188 3.06 -14.47 -20.64
CA SER D 188 4.39 -13.83 -20.67
C SER D 188 5.51 -14.87 -20.79
N THR D 189 6.64 -14.42 -21.34
CA THR D 189 7.82 -15.25 -21.55
C THR D 189 8.69 -15.34 -20.29
N ALA D 190 9.37 -16.47 -20.11
CA ALA D 190 10.34 -16.65 -19.02
C ALA D 190 11.42 -17.67 -19.42
N GLY D 191 12.54 -17.63 -18.72
CA GLY D 191 13.66 -18.54 -18.97
C GLY D 191 14.68 -17.98 -19.94
N THR D 192 15.53 -18.87 -20.45
CA THR D 192 16.69 -18.49 -21.23
C THR D 192 16.28 -18.24 -22.68
N PRO D 193 16.57 -17.03 -23.22
CA PRO D 193 16.18 -16.66 -24.59
C PRO D 193 16.52 -17.64 -25.71
N ALA D 194 17.75 -18.15 -25.72
CA ALA D 194 18.18 -19.09 -26.76
C ALA D 194 17.30 -20.37 -26.82
N PHE D 195 16.66 -20.72 -25.71
CA PHE D 195 15.83 -21.91 -25.62
C PHE D 195 14.33 -21.61 -25.70
N MET D 196 13.95 -20.36 -25.99
CA MET D 196 12.53 -20.01 -26.11
C MET D 196 11.97 -20.38 -27.48
N ALA D 197 10.80 -21.01 -27.48
CA ALA D 197 10.08 -21.36 -28.72
C ALA D 197 9.54 -20.11 -29.43
N PRO D 198 9.36 -20.18 -30.78
CA PRO D 198 8.92 -19.00 -31.55
C PRO D 198 7.59 -18.37 -31.13
N GLU D 199 6.63 -19.20 -30.73
CA GLU D 199 5.30 -18.71 -30.31
C GLU D 199 5.31 -17.93 -28.99
N ALA D 200 6.38 -18.07 -28.19
CA ALA D 200 6.51 -17.36 -26.92
C ALA D 200 7.24 -16.02 -27.07
N ILE D 201 8.25 -15.98 -27.92
CA ILE D 201 9.03 -14.74 -28.12
C ILE D 201 8.28 -13.69 -28.95
N SER D 202 7.37 -14.14 -29.82
CA SER D 202 6.39 -13.26 -30.44
C SER D 202 5.23 -13.03 -29.44
N ASP D 203 5.43 -12.09 -28.51
CA ASP D 203 4.40 -11.76 -27.48
C ASP D 203 3.27 -10.91 -28.10
N SER D 204 2.44 -11.58 -28.93
CA SER D 204 1.38 -10.91 -29.70
C SER D 204 0.03 -11.65 -29.62
N GLY D 205 -0.78 -11.25 -28.63
CA GLY D 205 -2.20 -11.62 -28.55
C GLY D 205 -2.52 -12.78 -27.63
N GLN D 206 -2.70 -13.95 -28.23
CA GLN D 206 -3.14 -15.15 -27.51
C GLN D 206 -2.02 -15.76 -26.67
N SER D 207 -2.41 -16.61 -25.72
CA SER D 207 -1.47 -17.38 -24.92
C SER D 207 -0.97 -18.58 -25.72
N PHE D 208 0.07 -19.23 -25.18
CA PHE D 208 0.72 -20.38 -25.84
C PHE D 208 0.71 -21.61 -24.94
N SER D 209 0.98 -22.76 -25.55
CA SER D 209 1.07 -24.04 -24.83
C SER D 209 2.37 -24.09 -24.00
N GLY D 210 2.25 -24.36 -22.70
CA GLY D 210 3.41 -24.51 -21.82
C GLY D 210 4.19 -25.80 -22.05
N LYS D 211 3.47 -26.91 -22.22
CA LYS D 211 4.11 -28.20 -22.47
C LYS D 211 4.92 -28.20 -23.78
N ALA D 212 4.48 -27.45 -24.77
CA ALA D 212 5.23 -27.35 -26.03
C ALA D 212 6.47 -26.46 -25.89
N LEU D 213 6.44 -25.45 -25.03
CA LEU D 213 7.63 -24.64 -24.77
C LEU D 213 8.75 -25.54 -24.22
N ASP D 214 8.41 -26.40 -23.26
CA ASP D 214 9.34 -27.38 -22.67
C ASP D 214 9.92 -28.34 -23.73
N VAL D 215 9.08 -28.80 -24.66
CA VAL D 215 9.50 -29.71 -25.72
C VAL D 215 10.49 -29.01 -26.63
N TRP D 216 10.18 -27.78 -27.03
CA TRP D 216 11.10 -26.99 -27.86
C TRP D 216 12.45 -26.85 -27.15
N ALA D 217 12.40 -26.42 -25.89
CA ALA D 217 13.60 -26.27 -25.08
C ALA D 217 14.41 -27.57 -25.05
N THR D 218 13.72 -28.70 -24.89
CA THR D 218 14.37 -30.02 -24.89
C THR D 218 14.99 -30.36 -26.26
N GLY D 219 14.46 -29.81 -27.34
CA GLY D 219 15.07 -29.96 -28.66
C GLY D 219 16.34 -29.17 -28.86
N VAL D 220 16.37 -27.95 -28.36
CA VAL D 220 17.56 -27.12 -28.39
C VAL D 220 18.62 -27.75 -27.50
N THR D 221 18.19 -28.33 -26.38
CA THR D 221 19.07 -29.10 -25.50
C THR D 221 19.69 -30.29 -26.24
N LEU D 222 18.85 -31.10 -26.88
CA LEU D 222 19.30 -32.26 -27.65
C LEU D 222 20.33 -31.86 -28.70
N TYR D 223 20.08 -30.75 -29.38
CA TYR D 223 20.98 -30.22 -30.41
C TYR D 223 22.30 -29.76 -29.78
N CYS D 224 22.22 -29.14 -28.59
CA CYS D 224 23.42 -28.79 -27.83
C CYS D 224 24.27 -30.03 -27.48
N PHE D 225 23.62 -31.08 -26.96
CA PHE D 225 24.27 -32.35 -26.61
C PHE D 225 25.29 -32.81 -27.67
N VAL D 226 24.87 -32.86 -28.93
CA VAL D 226 25.68 -33.41 -30.02
C VAL D 226 26.49 -32.39 -30.84
N TYR D 227 26.17 -31.11 -30.75
CA TYR D 227 27.00 -30.08 -31.42
C TYR D 227 27.73 -29.11 -30.51
N GLY D 228 27.39 -29.09 -29.22
CA GLY D 228 28.07 -28.21 -28.28
C GLY D 228 27.75 -26.72 -28.40
N LYS D 229 26.78 -26.38 -29.24
CA LYS D 229 26.27 -25.01 -29.34
C LYS D 229 24.81 -25.04 -29.79
N CYS D 230 24.15 -23.90 -29.68
CA CYS D 230 22.72 -23.79 -30.00
C CYS D 230 22.41 -23.76 -31.52
N PRO D 231 21.18 -24.13 -31.91
CA PRO D 231 20.79 -24.02 -33.33
C PRO D 231 20.57 -22.57 -33.80
N PHE D 232 20.17 -21.68 -32.91
CA PHE D 232 20.03 -20.26 -33.22
C PHE D 232 20.92 -19.49 -32.26
N ILE D 233 21.83 -18.71 -32.84
CA ILE D 233 22.87 -18.02 -32.10
C ILE D 233 22.97 -16.58 -32.57
N ASP D 234 22.94 -15.65 -31.61
CA ASP D 234 23.31 -14.25 -31.84
C ASP D 234 23.60 -13.49 -30.54
N ASP D 235 24.67 -12.69 -30.54
CA ASP D 235 25.02 -11.87 -29.36
C ASP D 235 23.98 -10.79 -29.06
N PHE D 236 23.25 -10.34 -30.08
CA PHE D 236 22.21 -9.31 -29.94
C PHE D 236 20.82 -9.97 -29.84
N ILE D 237 20.09 -9.66 -28.77
CA ILE D 237 18.84 -10.37 -28.42
C ILE D 237 17.77 -10.38 -29.53
N LEU D 238 17.51 -9.23 -30.16
CA LEU D 238 16.46 -9.14 -31.18
C LEU D 238 16.79 -9.93 -32.45
N ALA D 239 18.07 -9.99 -32.81
CA ALA D 239 18.52 -10.84 -33.91
C ALA D 239 18.34 -12.34 -33.60
N LEU D 240 18.51 -12.71 -32.32
CA LEU D 240 18.28 -14.10 -31.89
C LEU D 240 16.80 -14.45 -32.05
N HIS D 241 15.93 -13.59 -31.51
CA HIS D 241 14.48 -13.72 -31.69
C HIS D 241 14.07 -13.85 -33.17
N ARG D 242 14.67 -13.05 -34.04
CA ARG D 242 14.38 -13.12 -35.48
C ARG D 242 14.74 -14.51 -36.05
N LYS D 243 15.98 -14.93 -35.83
CA LYS D 243 16.46 -16.26 -36.24
C LYS D 243 15.61 -17.40 -35.71
N ILE D 244 15.25 -17.34 -34.42
CA ILE D 244 14.36 -18.35 -33.85
C ILE D 244 12.99 -18.32 -34.56
N LYS D 245 12.47 -17.14 -34.86
CA LYS D 245 11.15 -17.00 -35.53
C LYS D 245 11.17 -17.36 -37.03
N ASN D 246 12.30 -17.14 -37.71
CA ASN D 246 12.36 -17.24 -39.19
C ASN D 246 13.25 -18.37 -39.76
N GLU D 247 14.47 -18.49 -39.25
CA GLU D 247 15.49 -19.37 -39.85
C GLU D 247 15.20 -20.84 -39.59
N PRO D 248 15.59 -21.71 -40.55
CA PRO D 248 15.46 -23.16 -40.34
C PRO D 248 16.60 -23.72 -39.49
N VAL D 249 16.40 -24.94 -38.98
CA VAL D 249 17.45 -25.68 -38.27
C VAL D 249 18.48 -26.11 -39.32
N VAL D 250 19.77 -25.89 -39.04
CA VAL D 250 20.86 -26.25 -39.95
C VAL D 250 21.88 -27.15 -39.26
N PHE D 251 22.02 -28.37 -39.76
CA PHE D 251 22.95 -29.33 -39.22
C PHE D 251 24.31 -29.12 -39.89
N PRO D 252 25.39 -28.96 -39.10
CA PRO D 252 26.75 -28.88 -39.70
C PRO D 252 27.16 -30.15 -40.48
N GLU D 253 28.24 -30.05 -41.27
CA GLU D 253 28.81 -31.20 -41.98
C GLU D 253 29.38 -32.19 -40.98
N GLU D 254 30.30 -31.69 -40.13
CA GLU D 254 30.89 -32.44 -39.02
C GLU D 254 30.54 -31.74 -37.70
N PRO D 255 30.28 -32.47 -36.61
CA PRO D 255 30.21 -33.93 -36.61
C PRO D 255 28.98 -34.48 -37.33
N GLU D 256 29.15 -35.66 -37.91
CA GLU D 256 28.08 -36.36 -38.58
C GLU D 256 27.20 -37.01 -37.51
N ILE D 257 25.88 -36.92 -37.69
CA ILE D 257 24.93 -37.63 -36.83
C ILE D 257 23.99 -38.46 -37.71
N SER D 258 23.16 -39.30 -37.09
CA SER D 258 22.24 -40.13 -37.83
C SER D 258 21.06 -39.31 -38.34
N GLU D 259 20.49 -39.77 -39.44
CA GLU D 259 19.30 -39.17 -40.05
C GLU D 259 18.04 -39.31 -39.16
N GLU D 260 17.98 -40.37 -38.35
CA GLU D 260 16.93 -40.52 -37.33
C GLU D 260 16.99 -39.41 -36.25
N LEU D 261 18.19 -39.06 -35.78
CA LEU D 261 18.32 -37.99 -34.79
C LEU D 261 17.93 -36.65 -35.41
N LYS D 262 18.42 -36.38 -36.62
CA LYS D 262 18.01 -35.21 -37.41
C LYS D 262 16.48 -35.10 -37.53
N ASP D 263 15.83 -36.22 -37.81
CA ASP D 263 14.38 -36.27 -37.87
C ASP D 263 13.76 -35.86 -36.52
N LEU D 264 14.23 -36.45 -35.42
CA LEU D 264 13.71 -36.14 -34.09
C LEU D 264 13.92 -34.67 -33.71
N ILE D 265 15.10 -34.12 -34.03
CA ILE D 265 15.40 -32.71 -33.74
C ILE D 265 14.48 -31.79 -34.55
N LEU D 266 14.24 -32.13 -35.83
CA LEU D 266 13.37 -31.30 -36.69
C LEU D 266 11.92 -31.26 -36.19
N LYS D 267 11.43 -32.39 -35.70
CA LYS D 267 10.09 -32.48 -35.12
C LYS D 267 9.94 -31.79 -33.75
N MET D 268 11.02 -31.75 -32.97
CA MET D 268 11.07 -31.02 -31.70
C MET D 268 11.26 -29.52 -31.92
N LEU D 269 12.01 -29.14 -32.95
CA LEU D 269 12.20 -27.73 -33.32
C LEU D 269 11.26 -27.26 -34.46
N ASP D 270 10.11 -27.92 -34.58
CA ASP D 270 8.96 -27.45 -35.38
C ASP D 270 8.42 -26.15 -34.80
N LYS D 271 8.45 -25.08 -35.60
CA LYS D 271 8.02 -23.74 -35.15
C LYS D 271 6.51 -23.61 -34.84
N ASN D 272 5.70 -24.51 -35.39
CA ASN D 272 4.27 -24.55 -35.12
C ASN D 272 3.97 -25.50 -33.95
N PRO D 273 3.49 -24.97 -32.81
CA PRO D 273 3.22 -25.86 -31.64
C PRO D 273 2.15 -26.96 -31.78
N GLU D 274 1.24 -26.86 -32.75
CA GLU D 274 0.21 -27.89 -32.96
C GLU D 274 0.80 -29.18 -33.60
N THR D 275 1.70 -29.02 -34.59
CA THR D 275 2.39 -30.15 -35.26
C THR D 275 3.72 -30.58 -34.60
N ARG D 276 4.30 -29.75 -33.74
CA ARG D 276 5.51 -30.11 -32.99
C ARG D 276 5.26 -31.36 -32.18
N ILE D 277 6.26 -32.23 -32.13
CA ILE D 277 6.14 -33.53 -31.49
C ILE D 277 5.87 -33.36 -29.98
N GLY D 278 5.01 -34.21 -29.44
CA GLY D 278 4.68 -34.19 -28.02
C GLY D 278 5.47 -35.25 -27.28
N VAL D 279 5.49 -35.15 -25.96
CA VAL D 279 6.26 -36.07 -25.12
C VAL D 279 5.96 -37.56 -25.35
N PRO D 280 4.68 -37.95 -25.51
CA PRO D 280 4.41 -39.39 -25.73
C PRO D 280 4.93 -39.95 -27.07
N ASP D 281 5.04 -39.12 -28.10
CA ASP D 281 5.61 -39.52 -29.41
C ASP D 281 7.16 -39.47 -29.43
N ILE D 282 7.76 -38.52 -28.72
CA ILE D 282 9.23 -38.45 -28.54
C ILE D 282 9.73 -39.77 -27.96
N LYS D 283 9.00 -40.27 -26.96
CA LYS D 283 9.31 -41.54 -26.30
C LYS D 283 9.33 -42.73 -27.22
N LEU D 284 8.50 -42.69 -28.26
CA LEU D 284 8.36 -43.77 -29.23
C LEU D 284 9.20 -43.56 -30.49
N HIS D 285 9.94 -42.46 -30.59
CA HIS D 285 10.68 -42.17 -31.83
C HIS D 285 11.75 -43.26 -32.11
N PRO D 286 11.97 -43.61 -33.40
CA PRO D 286 12.95 -44.67 -33.74
C PRO D 286 14.34 -44.51 -33.11
N TRP D 287 14.83 -43.28 -33.09
CA TRP D 287 16.08 -42.95 -32.41
C TRP D 287 16.07 -43.24 -30.90
N VAL D 288 14.98 -42.88 -30.22
CA VAL D 288 14.89 -43.04 -28.78
C VAL D 288 14.84 -44.52 -28.37
N THR D 289 14.16 -45.34 -29.18
CA THR D 289 14.03 -46.77 -28.92
C THR D 289 15.24 -47.63 -29.37
N LYS D 290 16.20 -47.04 -30.08
CA LYS D 290 17.22 -47.79 -30.83
C LYS D 290 18.18 -48.60 -29.93
C4 DXV E . -18.69 -3.11 -1.63
C14 DXV E . -24.01 -2.78 1.31
C5 DXV E . -18.76 -2.23 -0.46
C6 DXV E . -20.18 -5.07 1.14
C11 DXV E . -23.58 -3.82 2.21
C7 DXV E . -21.31 -4.27 1.32
C8 DXV E . -20.14 -6.34 1.75
C9 DXV E . -22.39 -4.68 2.07
C10 DXV E . -21.24 -6.75 2.52
C12 DXV E . -22.36 -5.94 2.68
C13 DXV E . -18.98 -7.27 1.64
N1 DXV E . -25.45 -2.87 3.04
N2 DXV E . -25.91 -1.22 1.33
C3 DXV E . -19.37 -4.38 -1.17
O1 DXV E . -18.54 -7.52 0.51
O2 DXV E . -18.53 -7.74 2.69
C1 DXV E . -19.04 -4.53 0.30
C2 DXV E . -18.51 -3.15 0.72
C15 DXV E . -24.48 -3.82 3.24
C16 DXV E . -25.19 -2.22 1.87
C17 DXV E . -23.58 -2.24 0.10
C18 DXV E . -24.31 -1.21 -0.48
C19 DXV E . -25.48 -0.73 0.19
C20 DXV E . -23.84 -0.60 -1.76
C21 DXV E . -22.55 -0.82 -2.25
C22 DXV E . -24.66 0.27 -2.50
C23 DXV E . -22.12 -0.25 -3.43
C24 DXV E . -24.21 0.85 -3.67
C25 DXV E . -22.95 0.60 -4.13
CL CL F . -5.12 7.20 -5.24
C4 DXV G . -36.99 16.26 -8.72
C14 DXV G . -32.43 16.62 -10.95
C5 DXV G . -36.34 17.11 -7.69
C6 DXV G . -36.34 18.78 -10.62
C11 DXV G . -32.80 17.89 -11.57
C7 DXV G . -35.05 18.25 -10.58
C8 DXV G . -36.73 19.56 -11.72
C9 DXV G . -34.14 18.49 -11.61
C10 DXV G . -35.82 19.80 -12.76
C12 DXV G . -34.54 19.26 -12.70
C13 DXV G . -38.10 20.17 -11.82
N1 DXV G . -30.58 17.51 -11.88
N2 DXV G . -30.31 15.41 -10.76
C3 DXV G . -37.96 17.18 -9.43
O1 DXV G . -39.10 19.42 -11.67
O2 DXV G . -38.17 21.38 -12.10
C1 DXV G . -37.26 18.52 -9.45
C2 DXV G . -36.63 18.56 -8.06
C15 DXV G . -31.64 18.37 -12.12
C16 DXV G . -31.04 16.45 -11.17
C17 DXV G . -33.08 15.62 -10.24
C18 DXV G . -32.35 14.52 -9.78
C19 DXV G . -30.96 14.46 -10.08
C20 DXV G . -33.01 13.42 -9.01
C21 DXV G . -34.27 13.58 -8.44
C22 DXV G . -32.38 12.18 -8.82
C23 DXV G . -34.88 12.58 -7.71
C24 DXV G . -33.00 11.17 -8.09
C25 DXV G . -34.24 11.37 -7.52
CL CL H . -26.00 7.11 -12.46
C4 DXV I . 41.01 6.22 20.82
C14 DXV I . 40.87 1.56 24.64
C5 DXV I . 40.56 4.94 20.30
C6 DXV I . 38.39 4.93 23.07
C11 DXV I . 39.48 1.81 24.90
C7 DXV I . 39.09 3.79 23.43
C8 DXV I . 37.28 5.33 23.86
C9 DXV I . 38.71 3.01 24.53
C10 DXV I . 36.91 4.55 24.95
C12 DXV I . 37.62 3.41 25.29
C13 DXV I . 36.45 6.55 23.56
N1 DXV I . 40.01 -0.21 25.75
N2 DXV I . 42.34 -0.34 25.16
C3 DXV I . 40.21 6.40 22.10
O1 DXV I . 37.02 7.62 23.29
O2 DXV I . 35.21 6.42 23.69
C1 DXV I . 38.87 5.71 21.87
C2 DXV I . 39.07 4.91 20.58
C15 DXV I . 39.01 0.71 25.56
C16 DXV I . 41.15 0.27 25.19
C17 DXV I . 41.93 2.21 24.02
C18 DXV I . 43.18 1.60 23.97
C19 DXV I . 43.33 0.32 24.56
C20 DXV I . 44.33 2.27 23.29
C21 DXV I . 44.12 3.37 22.45
C22 DXV I . 45.63 1.79 23.42
C23 DXV I . 45.18 3.97 21.80
C24 DXV I . 46.68 2.39 22.74
C25 DXV I . 46.46 3.48 21.93
CL CL J . 50.35 -3.26 29.47
C4 DXV K . 23.01 -24.56 -10.49
C14 DXV K . 22.39 -28.59 -7.36
C5 DXV K . 22.41 -25.48 -11.47
C6 DXV K . 20.15 -25.06 -8.98
C11 DXV K . 21.02 -28.24 -7.12
C7 DXV K . 20.75 -26.27 -8.63
C8 DXV K . 19.11 -24.54 -8.19
C9 DXV K . 20.35 -26.98 -7.50
C10 DXV K . 18.70 -25.27 -7.06
C12 DXV K . 19.31 -26.45 -6.72
C13 DXV K . 18.40 -23.26 -8.51
N1 DXV K . 21.39 -30.31 -6.30
N2 DXV K . 23.72 -30.61 -6.83
C3 DXV K . 21.91 -23.57 -10.12
O1 DXV K . 19.09 -22.25 -8.78
O2 DXV K . 17.16 -23.26 -8.44
C1 DXV K . 20.62 -24.35 -10.25
C2 DXV K . 20.91 -25.23 -11.46
C15 DXV K . 20.45 -29.31 -6.48
C16 DXV K . 22.58 -29.90 -6.83
C17 DXV K . 23.52 -28.00 -7.94
C18 DXV K . 24.73 -28.70 -7.96
C19 DXV K . 24.76 -30.01 -7.40
C20 DXV K . 25.94 -28.10 -8.59
C21 DXV K . 25.86 -27.02 -9.48
C22 DXV K . 27.22 -28.61 -8.35
C23 DXV K . 26.98 -26.49 -10.10
C24 DXV K . 28.35 -28.08 -8.97
C25 DXV K . 28.23 -27.02 -9.85
CL CL L . 31.50 -34.00 -2.67
#